data_2OP5
#
_entry.id   2OP5
#
_cell.length_a   56.558
_cell.length_b   84.629
_cell.length_c   144.952
_cell.angle_alpha   90.000
_cell.angle_beta   90.000
_cell.angle_gamma   90.000
#
_symmetry.space_group_name_H-M   'P 21 21 21'
#
loop_
_entity.id
_entity.type
_entity.pdbx_description
1 polymer 'hypothetical protein'
2 non-polymer 1,2-ETHANEDIOL
3 water water
#
_entity_poly.entity_id   1
_entity_poly.type   'polypeptide(L)'
_entity_poly.pdbx_seq_one_letter_code
;G(MSE)KDTDETAFLNSLF(MSE)DFTSENELELFLKSLDEVWSEDLYSRLSAAGLIRHVISKVWNKEQHRIS(MSE)VF
EYDSKEGYQKCQEIIDKEFGITLKEKLKKFVFKIHNNRGVVVSEFIRST
;
_entity_poly.pdbx_strand_id   A,B,C,D,E,F
#
loop_
_chem_comp.id
_chem_comp.type
_chem_comp.name
_chem_comp.formula
EDO non-polymer 1,2-ETHANEDIOL 'C2 H6 O2'
#
# COMPACT_ATOMS: atom_id res chain seq x y z
N THR A 5 -18.31 -14.66 0.15
CA THR A 5 -18.17 -14.42 1.63
C THR A 5 -16.73 -13.94 1.97
N ASP A 6 -16.63 -12.75 2.56
CA ASP A 6 -15.33 -12.13 2.90
C ASP A 6 -14.67 -12.73 4.12
N GLU A 7 -13.51 -13.35 3.92
CA GLU A 7 -12.72 -13.94 5.01
C GLU A 7 -11.84 -12.84 5.68
N THR A 8 -11.96 -12.71 7.00
CA THR A 8 -11.15 -11.76 7.74
C THR A 8 -9.81 -12.41 8.06
N ALA A 9 -8.73 -11.73 7.70
CA ALA A 9 -7.38 -12.19 7.97
C ALA A 9 -6.74 -11.43 9.12
N PHE A 10 -7.03 -10.14 9.19
CA PHE A 10 -6.48 -9.25 10.21
C PHE A 10 -7.62 -8.50 10.89
N LEU A 11 -7.44 -8.23 12.18
CA LEU A 11 -8.47 -7.63 13.00
C LEU A 11 -7.95 -6.75 14.15
N ASN A 12 -8.70 -5.69 14.45
CA ASN A 12 -8.42 -4.85 15.62
C ASN A 12 -9.68 -4.80 16.47
N SER A 13 -9.58 -5.23 17.71
CA SER A 13 -10.69 -5.21 18.67
C SER A 13 -10.21 -4.22 19.70
N LEU A 14 -10.61 -2.97 19.50
CA LEU A 14 -10.16 -1.90 20.36
C LEU A 14 -11.27 -1.43 21.28
N PHE A 15 -10.87 -0.77 22.37
CA PHE A 15 -11.85 -0.20 23.29
CA PHE A 15 -11.81 -0.23 23.36
C PHE A 15 -11.38 1.13 23.85
N MSE A 16 -12.36 1.98 24.21
CA MSE A 16 -12.13 3.31 24.78
C MSE A 16 -12.97 3.50 26.04
O MSE A 16 -14.15 3.18 26.04
CB MSE A 16 -12.53 4.42 23.82
CG MSE A 16 -11.57 4.64 22.69
SE MSE A 16 -12.53 5.38 21.15
CE MSE A 16 -13.57 3.86 20.86
N ASP A 17 -12.34 4.05 27.06
CA ASP A 17 -12.97 4.29 28.35
C ASP A 17 -12.98 5.78 28.63
N PHE A 18 -14.17 6.30 28.95
CA PHE A 18 -14.37 7.72 29.22
C PHE A 18 -14.51 7.97 30.72
N THR A 19 -14.24 9.21 31.12
CA THR A 19 -14.29 9.61 32.52
C THR A 19 -15.73 9.94 32.97
N SER A 20 -16.66 9.96 32.03
CA SER A 20 -18.07 10.18 32.36
C SER A 20 -18.95 9.58 31.28
N GLU A 21 -20.18 9.25 31.67
CA GLU A 21 -21.17 8.73 30.77
C GLU A 21 -21.56 9.82 29.75
N ASN A 22 -21.74 11.06 30.20
CA ASN A 22 -22.10 12.13 29.26
C ASN A 22 -21.06 12.25 28.15
N GLU A 23 -19.79 12.10 28.50
CA GLU A 23 -18.74 12.19 27.48
C GLU A 23 -18.82 11.02 26.49
N LEU A 24 -19.07 9.82 27.00
CA LEU A 24 -19.27 8.66 26.14
C LEU A 24 -20.43 8.90 25.17
N GLU A 25 -21.55 9.41 25.69
CA GLU A 25 -22.74 9.69 24.88
CA GLU A 25 -22.74 9.64 24.87
C GLU A 25 -22.48 10.73 23.80
N LEU A 26 -21.67 11.72 24.13
CA LEU A 26 -21.30 12.78 23.18
C LEU A 26 -20.40 12.27 22.07
N PHE A 27 -19.45 11.42 22.43
CA PHE A 27 -18.54 10.78 21.49
C PHE A 27 -19.32 9.89 20.53
N LEU A 28 -20.23 9.08 21.07
CA LEU A 28 -21.14 8.28 20.24
C LEU A 28 -21.94 9.14 19.29
N LYS A 29 -22.50 10.24 19.81
CA LYS A 29 -23.28 11.16 18.97
C LYS A 29 -22.46 11.90 17.94
N SER A 30 -21.13 11.81 17.99
CA SER A 30 -20.28 12.46 17.00
C SER A 30 -19.63 11.48 16.01
N LEU A 31 -19.99 10.19 16.06
CA LEU A 31 -19.33 9.19 15.19
C LEU A 31 -19.72 9.27 13.73
N ASP A 32 -20.94 9.71 13.45
CA ASP A 32 -21.46 9.88 12.11
C ASP A 32 -20.69 10.96 11.37
N GLU A 33 -20.09 11.88 12.12
CA GLU A 33 -19.21 12.91 11.53
C GLU A 33 -17.92 12.23 11.02
N VAL A 34 -17.52 11.14 11.69
CA VAL A 34 -16.29 10.42 11.35
C VAL A 34 -16.51 9.30 10.35
N TRP A 35 -17.33 8.34 10.73
CA TRP A 35 -17.57 7.15 9.94
C TRP A 35 -18.73 7.37 8.98
N SER A 36 -18.45 8.15 7.94
CA SER A 36 -19.41 8.41 6.87
C SER A 36 -19.39 7.21 5.92
N GLU A 37 -20.45 7.06 5.16
CA GLU A 37 -20.57 5.97 4.19
C GLU A 37 -19.55 6.24 3.09
N ASP A 38 -19.24 7.52 2.89
CA ASP A 38 -18.25 7.91 1.91
C ASP A 38 -16.90 7.31 2.27
N LEU A 39 -16.47 7.52 3.52
CA LEU A 39 -15.22 7.01 4.03
C LEU A 39 -15.25 5.48 4.00
N TYR A 40 -16.31 4.88 4.50
CA TYR A 40 -16.47 3.42 4.46
C TYR A 40 -16.38 2.84 3.06
N SER A 41 -16.93 3.54 2.08
CA SER A 41 -16.84 3.05 0.69
C SER A 41 -15.39 2.90 0.26
N ARG A 42 -14.57 3.91 0.57
CA ARG A 42 -13.15 3.90 0.19
C ARG A 42 -12.31 2.95 1.03
N LEU A 43 -12.63 2.83 2.32
CA LEU A 43 -11.93 1.91 3.19
C LEU A 43 -12.31 0.48 2.80
N SER A 44 -13.57 0.24 2.45
CA SER A 44 -13.99 -1.12 2.06
C SER A 44 -13.27 -1.57 0.79
N ALA A 45 -13.06 -0.64 -0.16
CA ALA A 45 -12.30 -0.96 -1.36
C ALA A 45 -10.84 -1.23 -1.02
N ALA A 46 -10.35 -0.62 0.06
CA ALA A 46 -8.96 -0.81 0.51
C ALA A 46 -8.74 -2.05 1.39
N GLY A 47 -9.79 -2.76 1.76
CA GLY A 47 -9.64 -3.95 2.59
C GLY A 47 -10.48 -4.00 3.85
N LEU A 48 -11.20 -2.92 4.20
CA LEU A 48 -12.08 -3.02 5.36
C LEU A 48 -13.26 -3.88 4.94
N ILE A 49 -13.51 -4.93 5.72
CA ILE A 49 -14.64 -5.84 5.52
C ILE A 49 -15.79 -5.47 6.42
N ARG A 50 -15.49 -5.19 7.68
CA ARG A 50 -16.51 -4.93 8.68
C ARG A 50 -16.00 -3.99 9.77
N HIS A 51 -16.93 -3.23 10.33
CA HIS A 51 -16.66 -2.26 11.41
C HIS A 51 -17.90 -2.19 12.27
N VAL A 52 -17.76 -2.59 13.52
CA VAL A 52 -18.85 -2.68 14.48
C VAL A 52 -18.53 -1.83 15.69
N ILE A 53 -19.49 -0.99 16.06
CA ILE A 53 -19.35 -0.10 17.19
C ILE A 53 -20.40 -0.56 18.19
N SER A 54 -19.96 -0.68 19.42
CA SER A 54 -20.78 -1.19 20.48
C SER A 54 -20.63 -0.39 21.80
N LYS A 55 -21.70 -0.34 22.57
CA LYS A 55 -21.73 0.32 23.86
C LYS A 55 -21.61 -0.82 24.85
N VAL A 56 -20.53 -0.86 25.61
CA VAL A 56 -20.27 -1.95 26.54
C VAL A 56 -21.07 -1.77 27.83
N TRP A 57 -21.75 -2.84 28.26
CA TRP A 57 -22.57 -2.84 29.48
C TRP A 57 -21.65 -3.28 30.60
N ASN A 58 -21.10 -2.30 31.32
CA ASN A 58 -20.16 -2.54 32.43
C ASN A 58 -20.33 -1.39 33.41
N LYS A 59 -20.81 -1.70 34.60
CA LYS A 59 -21.08 -0.72 35.66
C LYS A 59 -19.85 0.05 36.16
N GLU A 60 -18.67 -0.57 36.02
CA GLU A 60 -17.41 0.02 36.48
C GLU A 60 -16.75 1.00 35.48
N GLN A 61 -17.12 0.92 34.20
CA GLN A 61 -16.51 1.72 33.12
C GLN A 61 -17.54 2.48 32.29
N HIS A 62 -17.07 3.42 31.48
CA HIS A 62 -17.90 4.09 30.47
C HIS A 62 -17.17 3.74 29.18
N ARG A 63 -17.46 2.54 28.67
CA ARG A 63 -16.72 1.95 27.60
C ARG A 63 -17.44 1.78 26.24
N ILE A 64 -16.66 2.03 25.19
CA ILE A 64 -17.07 1.81 23.81
C ILE A 64 -16.10 0.80 23.23
N SER A 65 -16.63 -0.17 22.49
CA SER A 65 -15.80 -1.13 21.74
C SER A 65 -15.99 -0.97 20.24
N MSE A 66 -14.91 -1.20 19.51
CA MSE A 66 -14.90 -1.18 18.08
C MSE A 66 -14.13 -2.37 17.60
O MSE A 66 -13.08 -2.70 18.15
CB MSE A 66 -14.24 0.07 17.53
CG MSE A 66 -15.07 1.30 17.76
SE MSE A 66 -14.32 2.91 16.97
CE MSE A 66 -15.83 3.99 17.41
N VAL A 67 -14.67 -3.03 16.59
CA VAL A 67 -14.00 -4.16 16.00
C VAL A 67 -13.92 -3.83 14.51
N PHE A 68 -12.69 -3.75 14.00
CA PHE A 68 -12.43 -3.49 12.58
C PHE A 68 -11.87 -4.79 12.05
N GLU A 69 -12.43 -5.24 10.94
CA GLU A 69 -11.98 -6.48 10.30
C GLU A 69 -11.54 -6.20 8.87
N TYR A 70 -10.37 -6.75 8.53
CA TYR A 70 -9.77 -6.54 7.24
C TYR A 70 -9.46 -7.85 6.55
N ASP A 71 -9.48 -7.80 5.21
CA ASP A 71 -9.12 -8.93 4.37
C ASP A 71 -7.63 -9.29 4.52
N SER A 72 -6.83 -8.32 5.00
CA SER A 72 -5.39 -8.48 5.16
C SER A 72 -4.80 -7.34 6.00
N LYS A 73 -3.58 -7.56 6.48
CA LYS A 73 -2.86 -6.55 7.25
C LYS A 73 -2.42 -5.40 6.34
N GLU A 74 -2.25 -5.70 5.06
CA GLU A 74 -1.90 -4.70 4.10
C GLU A 74 -3.11 -3.77 3.94
N GLY A 75 -4.30 -4.37 3.92
CA GLY A 75 -5.54 -3.60 3.88
C GLY A 75 -5.68 -2.70 5.10
N TYR A 76 -5.32 -3.22 6.26
CA TYR A 76 -5.33 -2.40 7.49
C TYR A 76 -4.48 -1.14 7.33
N GLN A 77 -3.27 -1.30 6.82
CA GLN A 77 -2.34 -0.18 6.64
C GLN A 77 -2.76 0.83 5.56
N LYS A 78 -3.35 0.35 4.47
CA LYS A 78 -3.87 1.26 3.46
C LYS A 78 -5.04 2.03 4.09
N CYS A 79 -5.84 1.37 4.92
CA CYS A 79 -6.97 2.04 5.58
C CYS A 79 -6.51 3.08 6.58
N GLN A 80 -5.35 2.87 7.19
CA GLN A 80 -4.76 3.85 8.12
C GLN A 80 -4.29 5.06 7.35
N GLU A 81 -3.86 4.84 6.13
CA GLU A 81 -3.38 5.91 5.28
C GLU A 81 -4.58 6.79 4.85
N ILE A 82 -5.66 6.12 4.47
CA ILE A 82 -6.91 6.79 4.05
C ILE A 82 -7.49 7.64 5.19
N ILE A 83 -7.57 7.07 6.38
CA ILE A 83 -8.02 7.79 7.59
C ILE A 83 -7.18 9.05 7.89
N ASP A 84 -5.87 8.96 7.65
CA ASP A 84 -4.92 10.06 7.89
C ASP A 84 -5.19 11.23 6.94
N LYS A 85 -5.49 10.89 5.69
CA LYS A 85 -5.80 11.87 4.68
C LYS A 85 -7.26 12.40 4.78
N GLU A 86 -8.11 11.69 5.53
CA GLU A 86 -9.52 12.05 5.70
C GLU A 86 -9.72 13.17 6.70
N PHE A 87 -8.97 13.15 7.79
CA PHE A 87 -9.13 14.12 8.87
C PHE A 87 -7.87 14.91 9.10
N GLY A 88 -8.02 16.07 9.71
CA GLY A 88 -6.92 16.96 9.96
C GLY A 88 -7.08 17.69 11.27
N ILE A 89 -6.77 18.98 11.28
CA ILE A 89 -6.84 19.81 12.49
C ILE A 89 -8.23 19.95 13.11
N THR A 90 -9.29 19.86 12.32
CA THR A 90 -10.66 20.00 12.83
C THR A 90 -11.00 18.80 13.74
N LEU A 91 -10.70 17.58 13.31
CA LEU A 91 -10.91 16.40 14.14
C LEU A 91 -9.94 16.44 15.31
N LYS A 92 -8.67 16.70 15.02
CA LYS A 92 -7.61 16.80 16.05
C LYS A 92 -8.09 17.58 17.24
N GLU A 93 -8.67 18.75 16.97
CA GLU A 93 -9.18 19.61 18.02
C GLU A 93 -10.49 19.15 18.66
N LYS A 94 -11.34 18.47 17.92
CA LYS A 94 -12.54 17.92 18.53
C LYS A 94 -12.14 16.87 19.57
N LEU A 95 -11.14 16.06 19.25
CA LEU A 95 -10.66 15.00 20.16
C LEU A 95 -9.96 15.52 21.42
N LYS A 96 -9.63 16.80 21.41
CA LYS A 96 -8.93 17.45 22.50
C LYS A 96 -9.93 17.79 23.61
N LYS A 97 -11.22 17.74 23.26
CA LYS A 97 -12.32 17.94 24.20
C LYS A 97 -12.62 16.68 25.01
N PHE A 98 -12.11 15.53 24.54
CA PHE A 98 -12.33 14.25 25.15
C PHE A 98 -11.09 13.72 25.88
N VAL A 99 -11.31 12.77 26.77
CA VAL A 99 -10.23 12.12 27.50
C VAL A 99 -10.60 10.64 27.59
N PHE A 100 -9.70 9.82 27.06
CA PHE A 100 -9.84 8.38 27.01
C PHE A 100 -8.55 7.86 26.43
N LYS A 101 -8.21 6.60 26.68
CA LYS A 101 -7.05 5.97 26.04
CA LYS A 101 -7.07 6.00 26.00
C LYS A 101 -7.59 4.81 25.22
N ILE A 102 -7.11 4.69 23.98
CA ILE A 102 -7.54 3.61 23.14
C ILE A 102 -6.70 2.39 23.51
N HIS A 103 -7.39 1.30 23.81
CA HIS A 103 -6.74 0.01 24.02
C HIS A 103 -6.92 -0.80 22.76
N ASN A 104 -5.84 -0.94 22.00
CA ASN A 104 -5.84 -1.71 20.76
C ASN A 104 -5.42 -3.13 21.01
N ASN A 105 -5.96 -4.03 20.19
CA ASN A 105 -5.68 -5.45 20.21
C ASN A 105 -5.72 -5.94 18.76
N ARG A 106 -4.58 -5.82 18.07
CA ARG A 106 -4.48 -6.19 16.65
C ARG A 106 -3.77 -7.51 16.46
N GLY A 107 -4.21 -8.26 15.46
CA GLY A 107 -3.58 -9.53 15.14
C GLY A 107 -4.22 -10.32 14.02
N VAL A 108 -3.63 -11.48 13.75
CA VAL A 108 -4.04 -12.38 12.71
C VAL A 108 -5.19 -13.22 13.20
N VAL A 109 -6.16 -13.42 12.31
CA VAL A 109 -7.26 -14.31 12.59
C VAL A 109 -6.75 -15.76 12.45
N VAL A 110 -7.08 -16.59 13.43
CA VAL A 110 -6.69 -18.01 13.49
C VAL A 110 -7.91 -18.90 13.17
N SER A 111 -9.11 -18.43 13.52
CA SER A 111 -10.30 -19.21 13.25
C SER A 111 -11.47 -18.26 13.09
N GLU A 112 -12.34 -18.60 12.16
CA GLU A 112 -13.54 -17.84 11.87
C GLU A 112 -14.74 -18.76 11.56
N PHE A 113 -15.79 -18.61 12.36
CA PHE A 113 -17.04 -19.28 12.11
C PHE A 113 -18.07 -18.24 11.71
N ILE A 114 -18.78 -18.53 10.63
CA ILE A 114 -19.84 -17.69 10.09
C ILE A 114 -21.04 -18.62 9.96
N ARG A 115 -22.23 -18.16 10.33
CA ARG A 115 -23.44 -19.05 10.33
C ARG A 115 -23.94 -19.42 8.93
N SER A 116 -24.36 -20.68 8.77
CA SER A 116 -24.84 -21.24 7.49
C SER A 116 -23.89 -20.97 6.32
N ALA B 9 -26.76 -6.97 16.36
CA ALA B 9 -27.51 -6.43 17.54
C ALA B 9 -26.70 -6.44 18.85
N PHE B 10 -26.02 -7.54 19.14
CA PHE B 10 -25.26 -7.70 20.38
CA PHE B 10 -25.25 -7.66 20.36
C PHE B 10 -23.90 -8.29 20.04
N LEU B 11 -22.90 -7.98 20.86
CA LEU B 11 -21.55 -8.45 20.59
C LEU B 11 -20.70 -8.56 21.84
N ASN B 12 -20.07 -9.72 22.05
CA ASN B 12 -19.12 -9.89 23.14
C ASN B 12 -17.70 -9.89 22.54
N SER B 13 -16.93 -8.86 22.88
CA SER B 13 -15.54 -8.68 22.47
C SER B 13 -14.65 -9.01 23.67
N LEU B 14 -14.31 -10.29 23.70
CA LEU B 14 -13.61 -10.94 24.78
C LEU B 14 -12.13 -11.17 24.53
N PHE B 15 -11.36 -11.19 25.64
CA PHE B 15 -9.92 -11.44 25.59
C PHE B 15 -9.52 -12.47 26.60
N MSE B 16 -8.71 -13.44 26.17
CA MSE B 16 -8.17 -14.46 27.06
C MSE B 16 -6.67 -14.22 27.23
O MSE B 16 -5.93 -14.31 26.25
CB MSE B 16 -8.30 -15.85 26.49
CG MSE B 16 -9.68 -16.35 26.17
SE MSE B 16 -9.51 -18.25 25.78
CE MSE B 16 -8.91 -18.84 27.27
N ASP B 17 -6.23 -13.96 28.46
CA ASP B 17 -4.82 -13.78 28.74
C ASP B 17 -4.21 -14.97 29.44
N PHE B 18 -3.17 -15.53 28.86
CA PHE B 18 -2.50 -16.69 29.39
C PHE B 18 -1.26 -16.35 30.20
N THR B 19 -0.75 -17.35 30.93
CA THR B 19 0.45 -17.12 31.72
C THR B 19 1.71 -17.33 30.91
N SER B 20 1.58 -17.97 29.74
CA SER B 20 2.72 -18.25 28.87
C SER B 20 2.28 -18.41 27.42
N GLU B 21 3.24 -18.22 26.54
CA GLU B 21 3.00 -18.31 25.14
C GLU B 21 2.73 -19.76 24.75
N ASN B 22 3.41 -20.70 25.41
CA ASN B 22 3.21 -22.11 25.14
C ASN B 22 1.79 -22.56 25.44
N GLU B 23 1.23 -22.05 26.53
CA GLU B 23 -0.18 -22.29 26.89
C GLU B 23 -1.11 -21.74 25.81
N LEU B 24 -0.86 -20.50 25.38
CA LEU B 24 -1.66 -19.87 24.35
C LEU B 24 -1.62 -20.72 23.07
N GLU B 25 -0.42 -21.12 22.67
CA GLU B 25 -0.25 -21.89 21.45
C GLU B 25 -0.92 -23.26 21.50
N LEU B 26 -0.78 -23.98 22.62
CA LEU B 26 -1.44 -25.30 22.81
C LEU B 26 -2.95 -25.12 22.69
N PHE B 27 -3.46 -24.10 23.34
CA PHE B 27 -4.88 -23.78 23.25
C PHE B 27 -5.29 -23.55 21.80
N LEU B 28 -4.56 -22.69 21.09
CA LEU B 28 -4.89 -22.42 19.68
C LEU B 28 -4.83 -23.68 18.81
N LYS B 29 -3.83 -24.53 19.06
CA LYS B 29 -3.71 -25.81 18.35
C LYS B 29 -4.69 -26.86 18.86
N SER B 30 -5.49 -26.52 19.87
CA SER B 30 -6.47 -27.44 20.44
C SER B 30 -7.92 -26.94 20.27
N LEU B 31 -8.12 -25.93 19.43
CA LEU B 31 -9.43 -25.30 19.27
C LEU B 31 -10.58 -26.21 18.87
N ASP B 32 -10.36 -27.13 17.94
CA ASP B 32 -11.44 -28.02 17.49
C ASP B 32 -11.98 -28.91 18.62
N GLU B 33 -11.22 -29.03 19.70
CA GLU B 33 -11.61 -29.81 20.89
C GLU B 33 -12.41 -28.95 21.88
N VAL B 34 -12.19 -27.63 21.86
CA VAL B 34 -12.85 -26.71 22.77
C VAL B 34 -14.10 -26.08 22.12
N TRP B 35 -13.92 -25.62 20.89
CA TRP B 35 -14.99 -25.02 20.08
C TRP B 35 -15.27 -26.01 18.98
N SER B 36 -15.95 -27.08 19.37
CA SER B 36 -16.24 -28.18 18.49
C SER B 36 -17.39 -27.86 17.55
N GLU B 37 -17.57 -28.71 16.53
CA GLU B 37 -18.62 -28.55 15.54
C GLU B 37 -19.99 -28.67 16.19
N ASP B 38 -20.08 -29.58 17.16
CA ASP B 38 -21.31 -29.83 17.88
C ASP B 38 -21.75 -28.56 18.63
N LEU B 39 -20.80 -27.93 19.32
CA LEU B 39 -21.08 -26.71 20.05
C LEU B 39 -21.55 -25.61 19.10
N TYR B 40 -20.86 -25.44 17.98
CA TYR B 40 -21.26 -24.43 17.00
C TYR B 40 -22.63 -24.71 16.37
N SER B 41 -22.99 -25.98 16.22
CA SER B 41 -24.30 -26.33 15.68
C SER B 41 -25.37 -25.82 16.64
N ARG B 42 -25.14 -26.03 17.93
CA ARG B 42 -26.06 -25.59 18.98
C ARG B 42 -26.14 -24.06 19.14
N LEU B 43 -24.98 -23.40 19.13
CA LEU B 43 -24.93 -21.96 19.25
C LEU B 43 -25.49 -21.28 18.02
N SER B 44 -25.21 -21.85 16.85
CA SER B 44 -25.71 -21.33 15.59
C SER B 44 -27.23 -21.26 15.61
N ALA B 45 -27.84 -22.41 15.90
CA ALA B 45 -29.30 -22.54 15.97
C ALA B 45 -29.95 -21.67 17.08
N ALA B 46 -29.17 -21.30 18.10
CA ALA B 46 -29.67 -20.46 19.19
C ALA B 46 -29.46 -18.96 18.99
N GLY B 47 -28.81 -18.52 17.91
CA GLY B 47 -28.60 -17.07 17.65
C GLY B 47 -27.22 -16.56 17.26
N LEU B 48 -26.20 -17.41 17.35
CA LEU B 48 -24.83 -17.01 17.04
C LEU B 48 -24.64 -16.80 15.54
N ILE B 49 -24.19 -15.60 15.17
CA ILE B 49 -23.98 -15.23 13.77
C ILE B 49 -22.55 -15.52 13.33
N ARG B 50 -21.60 -15.05 14.14
CA ARG B 50 -20.17 -15.13 13.84
C ARG B 50 -19.36 -15.31 15.09
N HIS B 51 -18.18 -15.88 14.88
CA HIS B 51 -17.19 -16.04 15.93
C HIS B 51 -15.81 -16.00 15.28
N VAL B 52 -15.01 -15.02 15.70
CA VAL B 52 -13.67 -14.80 15.19
C VAL B 52 -12.71 -14.88 16.38
N ILE B 53 -11.63 -15.62 16.14
CA ILE B 53 -10.61 -15.85 17.13
C ILE B 53 -9.34 -15.34 16.48
N SER B 54 -8.63 -14.48 17.19
CA SER B 54 -7.39 -13.94 16.66
C SER B 54 -6.32 -13.77 17.71
N LYS B 55 -5.08 -13.73 17.22
CA LYS B 55 -3.95 -13.47 18.05
C LYS B 55 -3.91 -11.99 18.33
N VAL B 56 -3.18 -11.60 19.33
CA VAL B 56 -3.01 -10.19 19.60
C VAL B 56 -1.52 -9.98 19.69
N TRP B 57 -0.99 -9.16 18.78
CA TRP B 57 0.43 -8.86 18.73
C TRP B 57 0.79 -8.08 19.98
N ASN B 58 1.83 -8.53 20.68
CA ASN B 58 2.25 -7.86 21.91
C ASN B 58 3.59 -8.44 22.34
N GLU B 60 4.24 -8.21 25.10
CA GLU B 60 4.21 -8.48 26.53
C GLU B 60 3.11 -9.50 26.86
N GLN B 61 1.91 -9.22 26.36
CA GLN B 61 0.74 -10.07 26.59
C GLN B 61 0.63 -11.29 25.71
N HIS B 62 0.23 -12.40 26.37
CA HIS B 62 -0.07 -13.67 25.72
C HIS B 62 -1.56 -13.68 25.62
N ARG B 63 -2.06 -12.86 24.68
CA ARG B 63 -3.49 -12.61 24.54
C ARG B 63 -4.19 -13.11 23.26
N ILE B 64 -5.39 -13.66 23.47
CA ILE B 64 -6.26 -14.13 22.43
C ILE B 64 -7.54 -13.28 22.44
N SER B 65 -7.94 -12.81 21.26
CA SER B 65 -9.17 -12.06 21.08
C SER B 65 -10.25 -12.96 20.52
N MSE B 66 -11.43 -12.89 21.12
CA MSE B 66 -12.62 -13.58 20.61
C MSE B 66 -13.80 -12.58 20.50
O MSE B 66 -14.21 -11.98 21.47
CB MSE B 66 -13.03 -14.77 21.45
CG MSE B 66 -12.03 -15.85 21.50
SE MSE B 66 -12.76 -17.40 22.34
CE MSE B 66 -11.34 -18.52 22.25
N VAL B 67 -14.29 -12.41 19.28
CA VAL B 67 -15.45 -11.56 19.00
C VAL B 67 -16.63 -12.45 18.61
N PHE B 68 -17.71 -12.36 19.40
CA PHE B 68 -18.94 -13.10 19.14
C PHE B 68 -20.00 -12.09 18.70
N GLU B 69 -20.81 -12.45 17.70
CA GLU B 69 -21.92 -11.58 17.22
C GLU B 69 -23.22 -12.38 17.22
N TYR B 70 -24.24 -11.77 17.84
CA TYR B 70 -25.55 -12.36 17.97
C TYR B 70 -26.58 -11.52 17.23
N ASP B 71 -27.62 -12.17 16.72
CA ASP B 71 -28.72 -11.49 16.02
C ASP B 71 -29.70 -10.77 16.96
N SER B 72 -29.60 -11.03 18.26
CA SER B 72 -30.43 -10.38 19.31
C SER B 72 -29.86 -10.61 20.73
N LYS B 73 -30.48 -9.99 21.74
CA LYS B 73 -30.04 -10.16 23.14
C LYS B 73 -30.49 -11.53 23.62
N GLU B 74 -31.72 -11.92 23.26
CA GLU B 74 -32.22 -13.24 23.60
C GLU B 74 -31.29 -14.30 22.97
N GLY B 75 -30.77 -13.98 21.78
CA GLY B 75 -29.80 -14.82 21.10
C GLY B 75 -28.55 -14.89 21.97
N TYR B 76 -28.01 -13.71 22.34
CA TYR B 76 -26.83 -13.62 23.22
C TYR B 76 -26.98 -14.41 24.52
N GLN B 77 -28.10 -14.21 25.20
CA GLN B 77 -28.37 -14.89 26.46
C GLN B 77 -28.51 -16.40 26.29
N LYS B 78 -29.27 -16.84 25.29
CA LYS B 78 -29.45 -18.27 25.05
C LYS B 78 -28.08 -18.94 24.78
N CYS B 79 -27.24 -18.31 23.98
CA CYS B 79 -25.90 -18.81 23.68
C CYS B 79 -24.97 -18.75 24.90
N GLN B 80 -25.04 -17.66 25.67
CA GLN B 80 -24.21 -17.54 26.87
C GLN B 80 -24.47 -18.66 27.88
N GLU B 81 -25.74 -18.99 28.11
CA GLU B 81 -26.06 -20.07 29.01
C GLU B 81 -25.38 -21.34 28.50
N ILE B 82 -25.56 -21.63 27.21
CA ILE B 82 -24.95 -22.80 26.55
C ILE B 82 -23.44 -22.77 26.79
N ILE B 83 -22.82 -21.64 26.48
CA ILE B 83 -21.38 -21.44 26.69
C ILE B 83 -20.98 -21.54 28.17
N ASP B 84 -21.70 -20.85 29.06
CA ASP B 84 -21.41 -20.91 30.49
C ASP B 84 -21.36 -22.34 31.00
N LYS B 85 -22.30 -23.17 30.55
CA LYS B 85 -22.34 -24.58 30.94
C LYS B 85 -21.23 -25.38 30.25
N GLU B 86 -20.96 -25.04 29.00
CA GLU B 86 -19.95 -25.73 28.20
C GLU B 86 -18.58 -25.73 28.85
N PHE B 87 -18.11 -24.56 29.28
CA PHE B 87 -16.76 -24.45 29.83
C PHE B 87 -16.75 -24.47 31.34
N GLY B 88 -17.76 -23.86 31.95
CA GLY B 88 -17.88 -23.82 33.40
C GLY B 88 -18.18 -25.19 34.02
N ILE B 89 -18.81 -26.09 33.26
CA ILE B 89 -19.18 -27.43 33.77
C ILE B 89 -18.68 -28.59 32.87
N THR B 90 -19.10 -28.65 31.62
CA THR B 90 -18.73 -29.76 30.72
C THR B 90 -17.22 -29.96 30.49
N LEU B 91 -16.55 -28.91 30.01
CA LEU B 91 -15.10 -28.94 29.74
C LEU B 91 -14.22 -28.42 30.91
N LYS B 92 -14.84 -28.19 32.07
CA LYS B 92 -14.17 -27.76 33.30
C LYS B 92 -12.83 -28.45 33.56
N GLU B 93 -12.88 -29.78 33.67
CA GLU B 93 -11.70 -30.57 33.98
C GLU B 93 -10.73 -30.61 32.81
N LYS B 94 -11.24 -30.45 31.59
CA LYS B 94 -10.40 -30.45 30.39
C LYS B 94 -9.62 -29.13 30.28
N LEU B 95 -10.24 -28.03 30.72
CA LEU B 95 -9.61 -26.68 30.66
C LEU B 95 -8.68 -26.34 31.83
N LYS B 96 -8.61 -27.18 32.86
CA LYS B 96 -7.74 -26.90 34.00
C LYS B 96 -6.25 -26.97 33.63
N LYS B 97 -5.94 -27.60 32.49
CA LYS B 97 -4.56 -27.62 32.01
C LYS B 97 -4.08 -26.20 31.61
N PHE B 98 -5.02 -25.27 31.41
CA PHE B 98 -4.71 -23.89 31.04
C PHE B 98 -5.08 -22.97 32.18
N VAL B 99 -4.17 -22.03 32.47
CA VAL B 99 -4.44 -20.99 33.43
C VAL B 99 -4.55 -19.74 32.59
N PHE B 100 -5.71 -19.10 32.66
CA PHE B 100 -5.96 -17.92 31.89
C PHE B 100 -7.00 -17.07 32.59
N LYS B 101 -7.04 -15.81 32.19
CA LYS B 101 -8.00 -14.83 32.70
C LYS B 101 -8.84 -14.31 31.53
N ILE B 102 -10.15 -14.23 31.72
CA ILE B 102 -11.11 -13.78 30.71
C ILE B 102 -11.58 -12.34 30.96
N HIS B 103 -11.53 -11.52 29.92
CA HIS B 103 -12.05 -10.16 29.97
C HIS B 103 -13.17 -10.09 28.96
N ASN B 104 -14.40 -9.98 29.44
CA ASN B 104 -15.56 -9.86 28.60
C ASN B 104 -15.86 -8.40 28.30
N ASN B 105 -16.54 -8.18 27.18
CA ASN B 105 -17.01 -6.84 26.78
C ASN B 105 -18.28 -7.02 26.01
N ARG B 106 -19.37 -7.05 26.78
CA ARG B 106 -20.72 -7.33 26.32
C ARG B 106 -21.41 -6.01 26.01
N GLY B 107 -21.91 -5.87 24.80
CA GLY B 107 -22.55 -4.62 24.45
C GLY B 107 -23.53 -4.67 23.32
N VAL B 108 -24.37 -3.65 23.31
CA VAL B 108 -25.36 -3.49 22.25
C VAL B 108 -24.69 -2.73 21.10
N VAL B 109 -24.90 -3.22 19.89
CA VAL B 109 -24.36 -2.64 18.67
C VAL B 109 -24.99 -1.26 18.40
N VAL B 110 -24.17 -0.20 18.35
CA VAL B 110 -24.68 1.14 18.02
C VAL B 110 -24.67 1.38 16.50
N SER B 111 -23.65 0.88 15.81
CA SER B 111 -23.62 0.98 14.34
C SER B 111 -22.74 -0.11 13.79
N GLU B 112 -23.01 -0.52 12.57
CA GLU B 112 -22.27 -1.57 11.92
C GLU B 112 -22.07 -1.33 10.41
N PHE B 113 -20.87 -1.58 9.93
CA PHE B 113 -20.60 -1.55 8.50
C PHE B 113 -20.23 -2.95 8.05
N ILE B 114 -20.79 -3.40 6.93
CA ILE B 114 -20.47 -4.68 6.32
C ILE B 114 -20.34 -4.53 4.80
N ARG B 115 -19.12 -4.70 4.32
CA ARG B 115 -18.74 -4.63 2.89
C ARG B 115 -19.65 -5.48 2.03
N SER B 116 -19.89 -5.07 0.78
CA SER B 116 -20.69 -5.87 -0.17
C SER B 116 -20.03 -7.21 -0.45
N GLY C 1 -2.81 16.16 6.71
CA GLY C 1 -3.48 14.99 7.34
C GLY C 1 -3.54 15.09 8.85
N MSE C 2 -3.91 14.00 9.51
CA MSE C 2 -4.01 13.96 10.97
C MSE C 2 -2.65 14.03 11.67
O MSE C 2 -2.46 14.79 12.64
CB MSE C 2 -4.66 12.68 11.43
CG MSE C 2 -6.06 12.47 11.01
SE MSE C 2 -6.88 11.10 12.20
CE MSE C 2 -7.18 12.28 13.81
N LYS C 3 -1.72 13.19 11.22
CA LYS C 3 -0.37 13.15 11.78
C LYS C 3 0.37 14.48 11.48
N ASP C 4 0.16 15.03 10.28
CA ASP C 4 0.74 16.32 9.88
C ASP C 4 -0.34 17.29 9.40
N THR C 5 -0.77 18.16 10.31
CA THR C 5 -1.79 19.17 10.01
C THR C 5 -1.32 20.33 9.12
N ASP C 6 -0.02 20.41 8.80
CA ASP C 6 0.53 21.42 7.88
C ASP C 6 0.73 20.88 6.47
N GLU C 7 0.51 19.57 6.31
CA GLU C 7 0.63 18.84 5.02
C GLU C 7 -0.63 19.06 4.21
N THR C 8 -0.49 19.41 2.94
CA THR C 8 -1.66 19.56 2.07
C THR C 8 -2.04 18.15 1.63
N ALA C 9 -3.28 17.76 1.90
CA ALA C 9 -3.73 16.44 1.52
C ALA C 9 -4.84 16.47 0.51
N PHE C 10 -5.46 17.63 0.36
CA PHE C 10 -6.61 17.76 -0.51
C PHE C 10 -6.52 19.11 -1.22
N LEU C 11 -6.78 19.12 -2.52
CA LEU C 11 -6.71 20.35 -3.28
C LEU C 11 -7.96 20.54 -4.15
N ASN C 12 -8.41 21.78 -4.21
CA ASN C 12 -9.53 22.15 -5.05
C ASN C 12 -9.10 23.32 -5.95
N SER C 13 -9.22 23.09 -7.26
CA SER C 13 -8.88 24.04 -8.31
C SER C 13 -10.16 24.54 -8.99
N LEU C 14 -10.42 25.82 -8.83
CA LEU C 14 -11.58 26.45 -9.43
C LEU C 14 -11.13 27.31 -10.56
N PHE C 15 -12.02 27.44 -11.55
CA PHE C 15 -11.80 28.24 -12.72
C PHE C 15 -13.10 28.96 -12.99
N MSE C 16 -13.03 30.28 -13.09
CA MSE C 16 -14.20 31.08 -13.38
C MSE C 16 -13.98 31.93 -14.62
O MSE C 16 -13.00 32.67 -14.70
CB MSE C 16 -14.53 31.98 -12.22
CG MSE C 16 -14.75 31.22 -10.93
SE MSE C 16 -14.77 32.46 -9.52
CE MSE C 16 -12.88 32.66 -9.48
N ASP C 17 -14.92 31.83 -15.54
CA ASP C 17 -14.87 32.58 -16.79
C ASP C 17 -15.84 33.74 -16.67
N PHE C 18 -15.48 34.85 -17.30
CA PHE C 18 -16.29 36.07 -17.29
C PHE C 18 -16.53 36.54 -18.72
N THR C 19 -17.63 37.26 -18.94
CA THR C 19 -17.92 37.72 -20.30
C THR C 19 -16.90 38.77 -20.73
N SER C 20 -16.37 39.52 -19.77
CA SER C 20 -15.40 40.57 -20.05
C SER C 20 -14.43 40.77 -18.92
N GLU C 21 -13.43 41.61 -19.20
CA GLU C 21 -12.43 41.98 -18.22
C GLU C 21 -13.04 42.86 -17.16
N ASN C 22 -14.00 43.68 -17.56
CA ASN C 22 -14.74 44.53 -16.64
C ASN C 22 -15.52 43.72 -15.63
N GLU C 23 -16.12 42.61 -16.06
CA GLU C 23 -16.83 41.73 -15.14
C GLU C 23 -15.88 40.93 -14.26
N LEU C 24 -14.70 40.62 -14.80
CA LEU C 24 -13.67 39.93 -14.04
C LEU C 24 -13.11 40.85 -12.96
N GLU C 25 -12.75 42.10 -13.32
CA GLU C 25 -12.20 43.09 -12.37
CA GLU C 25 -12.18 43.02 -12.33
C GLU C 25 -13.21 43.37 -11.28
N LEU C 26 -14.46 43.54 -11.67
CA LEU C 26 -15.52 43.84 -10.73
C LEU C 26 -15.71 42.70 -9.75
N PHE C 27 -15.69 41.49 -10.26
CA PHE C 27 -15.76 40.33 -9.39
C PHE C 27 -14.65 40.35 -8.33
N LEU C 28 -13.42 40.57 -8.78
CA LEU C 28 -12.26 40.60 -7.87
C LEU C 28 -12.40 41.65 -6.77
N LYS C 29 -12.84 42.86 -7.16
CA LYS C 29 -13.06 43.94 -6.20
C LYS C 29 -14.23 43.61 -5.28
N SER C 30 -15.34 43.15 -5.84
CA SER C 30 -16.50 42.82 -4.99
C SER C 30 -16.16 41.72 -3.97
N LEU C 31 -15.34 40.74 -4.38
CA LEU C 31 -14.90 39.64 -3.48
C LEU C 31 -13.97 40.11 -2.35
N ASP C 32 -13.00 40.93 -2.73
CA ASP C 32 -12.05 41.44 -1.79
C ASP C 32 -12.76 42.26 -0.70
N GLU C 33 -13.81 42.96 -1.08
CA GLU C 33 -14.54 43.76 -0.12
C GLU C 33 -15.17 42.94 1.00
N VAL C 34 -15.66 41.75 0.67
CA VAL C 34 -16.38 40.93 1.63
C VAL C 34 -15.61 39.76 2.24
N TRP C 35 -14.42 39.45 1.71
CA TRP C 35 -13.58 38.38 2.20
C TRP C 35 -12.57 38.95 3.21
N SER C 36 -12.88 38.83 4.49
CA SER C 36 -12.02 39.37 5.53
C SER C 36 -10.84 38.50 5.88
N GLU C 37 -9.90 39.08 6.61
CA GLU C 37 -8.77 38.35 7.13
C GLU C 37 -9.27 37.44 8.25
N ASP C 38 -10.34 37.87 8.94
CA ASP C 38 -10.99 37.05 9.98
C ASP C 38 -11.48 35.69 9.43
N LEU C 39 -12.05 35.72 8.22
CA LEU C 39 -12.51 34.52 7.55
C LEU C 39 -11.29 33.64 7.29
N TYR C 40 -10.24 34.22 6.71
CA TYR C 40 -9.02 33.45 6.46
C TYR C 40 -8.57 32.75 7.73
N SER C 41 -8.56 33.50 8.82
CA SER C 41 -8.19 32.95 10.11
C SER C 41 -9.08 31.76 10.56
N ARG C 42 -10.40 31.82 10.36
CA ARG C 42 -11.28 30.71 10.75
C ARG C 42 -11.21 29.52 9.79
N LEU C 43 -11.10 29.80 8.49
CA LEU C 43 -10.93 28.76 7.51
C LEU C 43 -9.61 28.00 7.77
N SER C 44 -8.57 28.77 8.08
CA SER C 44 -7.25 28.22 8.38
C SER C 44 -7.31 27.31 9.59
N ALA C 45 -8.02 27.73 10.62
CA ALA C 45 -8.19 26.91 11.84
C ALA C 45 -8.99 25.62 11.61
N ALA C 46 -9.78 25.60 10.52
CA ALA C 46 -10.59 24.46 10.09
C ALA C 46 -9.88 23.51 9.11
N GLY C 47 -8.71 23.92 8.60
CA GLY C 47 -7.91 23.11 7.68
C GLY C 47 -7.36 23.77 6.43
N LEU C 48 -7.66 25.05 6.18
CA LEU C 48 -7.15 25.75 5.00
C LEU C 48 -5.67 26.09 5.19
N ILE C 49 -4.85 25.65 4.24
CA ILE C 49 -3.42 25.86 4.29
C ILE C 49 -3.00 27.02 3.37
N ARG C 50 -3.55 27.05 2.15
CA ARG C 50 -3.23 28.07 1.18
C ARG C 50 -4.42 28.34 0.24
N HIS C 51 -4.54 29.60 -0.18
CA HIS C 51 -5.56 29.99 -1.15
C HIS C 51 -4.88 30.98 -2.08
N VAL C 52 -4.82 30.63 -3.36
CA VAL C 52 -4.17 31.49 -4.34
C VAL C 52 -5.19 31.87 -5.39
N ILE C 53 -5.15 33.13 -5.78
CA ILE C 53 -6.01 33.64 -6.84
C ILE C 53 -5.08 34.21 -7.90
N SER C 54 -5.34 33.82 -9.15
CA SER C 54 -4.55 34.28 -10.28
CA SER C 54 -4.56 34.20 -10.30
C SER C 54 -5.43 34.63 -11.49
N LYS C 55 -4.90 35.56 -12.29
CA LYS C 55 -5.54 36.00 -13.53
C LYS C 55 -4.91 35.22 -14.65
N VAL C 56 -5.69 34.68 -15.59
CA VAL C 56 -5.10 34.00 -16.77
C VAL C 56 -4.54 35.04 -17.76
N TRP C 57 -3.32 34.81 -18.24
CA TRP C 57 -2.62 35.74 -19.12
C TRP C 57 -2.80 35.58 -20.63
N ASN C 58 -3.84 34.85 -21.08
CA ASN C 58 -4.10 34.71 -22.52
C ASN C 58 -4.76 36.00 -22.98
N GLU C 60 -7.17 36.44 -25.24
CA GLU C 60 -7.78 37.28 -24.23
C GLU C 60 -8.94 36.55 -23.54
N GLN C 61 -8.58 35.58 -22.70
CA GLN C 61 -9.56 34.88 -21.92
C GLN C 61 -9.83 35.77 -20.73
N HIS C 62 -11.03 35.69 -20.20
CA HIS C 62 -11.40 36.46 -19.03
C HIS C 62 -11.65 35.42 -17.97
N ARG C 63 -10.54 34.81 -17.54
CA ARG C 63 -10.59 33.73 -16.58
C ARG C 63 -9.74 33.98 -15.32
N ILE C 64 -10.28 33.47 -14.21
CA ILE C 64 -9.66 33.54 -12.90
C ILE C 64 -9.42 32.11 -12.44
N SER C 65 -8.22 31.83 -11.93
CA SER C 65 -7.93 30.52 -11.37
C SER C 65 -7.79 30.65 -9.88
N MSE C 66 -8.44 29.75 -9.15
CA MSE C 66 -8.25 29.69 -7.71
C MSE C 66 -7.79 28.30 -7.33
O MSE C 66 -8.20 27.30 -7.91
CB MSE C 66 -9.52 30.03 -6.95
CG MSE C 66 -10.03 31.43 -7.18
SE MSE C 66 -11.41 31.80 -5.92
CE MSE C 66 -11.83 33.56 -6.47
N VAL C 67 -6.93 28.26 -6.33
CA VAL C 67 -6.45 27.01 -5.76
C VAL C 67 -6.56 27.12 -4.24
N PHE C 68 -7.27 26.16 -3.65
CA PHE C 68 -7.43 26.04 -2.22
C PHE C 68 -6.72 24.75 -1.85
N GLU C 69 -5.87 24.84 -0.83
CA GLU C 69 -5.14 23.68 -0.32
C GLU C 69 -5.58 23.41 1.12
N TYR C 70 -5.92 22.16 1.42
CA TYR C 70 -6.44 21.81 2.73
C TYR C 70 -5.68 20.66 3.34
N ASP C 71 -5.75 20.56 4.67
CA ASP C 71 -5.03 19.50 5.39
C ASP C 71 -5.70 18.14 5.27
N SER C 72 -6.94 18.11 4.77
CA SER C 72 -7.70 16.90 4.64
C SER C 72 -9.03 17.14 3.91
N LYS C 73 -9.70 16.05 3.58
CA LYS C 73 -11.05 16.13 3.00
C LYS C 73 -12.01 16.80 4.02
N GLU C 74 -11.84 16.44 5.31
CA GLU C 74 -12.60 17.05 6.40
C GLU C 74 -12.41 18.55 6.39
N GLY C 75 -11.16 19.00 6.24
CA GLY C 75 -10.84 20.44 6.21
C GLY C 75 -11.53 21.17 5.07
N TYR C 76 -11.54 20.55 3.90
CA TYR C 76 -12.27 21.08 2.75
C TYR C 76 -13.74 21.23 3.11
N GLN C 77 -14.34 20.13 3.63
CA GLN C 77 -15.75 20.12 3.98
C GLN C 77 -16.15 21.18 5.00
N LYS C 78 -15.38 21.29 6.08
CA LYS C 78 -15.66 22.25 7.15
C LYS C 78 -15.54 23.68 6.59
N CYS C 79 -14.56 23.89 5.72
CA CYS C 79 -14.35 25.21 5.11
C CYS C 79 -15.47 25.56 4.17
N GLN C 80 -16.03 24.58 3.47
CA GLN C 80 -17.17 24.86 2.62
C GLN C 80 -18.33 25.33 3.47
N GLU C 81 -18.56 24.69 4.62
CA GLU C 81 -19.66 25.09 5.52
C GLU C 81 -19.50 26.50 6.07
N ILE C 82 -18.26 26.86 6.39
CA ILE C 82 -17.93 28.20 6.89
C ILE C 82 -18.24 29.25 5.83
N ILE C 83 -17.78 28.99 4.61
CA ILE C 83 -18.01 29.86 3.46
C ILE C 83 -19.51 30.05 3.13
N ASP C 84 -20.26 28.96 3.20
CA ASP C 84 -21.71 28.99 2.97
C ASP C 84 -22.41 29.90 3.99
N LYS C 85 -22.03 29.78 5.27
CA LYS C 85 -22.58 30.63 6.32
C LYS C 85 -22.00 32.06 6.29
N GLU C 86 -20.88 32.27 5.60
CA GLU C 86 -20.25 33.57 5.56
C GLU C 86 -21.00 34.61 4.77
N PHE C 87 -21.49 34.21 3.61
CA PHE C 87 -22.16 35.10 2.68
C PHE C 87 -23.64 34.77 2.48
N GLY C 88 -24.46 35.81 2.37
CA GLY C 88 -25.91 35.65 2.18
C GLY C 88 -26.27 35.24 0.76
N ILE C 89 -27.52 34.78 0.58
CA ILE C 89 -27.99 34.35 -0.74
C ILE C 89 -28.00 35.52 -1.74
N THR C 90 -28.29 36.72 -1.27
CA THR C 90 -28.29 37.90 -2.13
C THR C 90 -26.89 38.22 -2.64
N LEU C 91 -25.88 38.09 -1.79
CA LEU C 91 -24.48 38.34 -2.15
C LEU C 91 -23.96 37.23 -3.07
N LYS C 92 -24.27 36.00 -2.70
CA LYS C 92 -23.95 34.82 -3.47
C LYS C 92 -24.48 35.02 -4.89
N GLU C 93 -25.74 35.40 -5.01
CA GLU C 93 -26.31 35.66 -6.34
C GLU C 93 -25.59 36.80 -7.06
N LYS C 94 -25.33 37.92 -6.38
CA LYS C 94 -24.61 39.05 -6.98
C LYS C 94 -23.26 38.62 -7.59
N LEU C 95 -22.47 37.90 -6.80
CA LEU C 95 -21.17 37.43 -7.28
C LEU C 95 -21.30 36.40 -8.42
N LYS C 96 -22.18 35.40 -8.27
CA LYS C 96 -22.38 34.37 -9.30
C LYS C 96 -22.82 34.92 -10.64
N LYS C 97 -23.61 35.98 -10.60
CA LYS C 97 -24.12 36.62 -11.81
C LYS C 97 -22.98 37.15 -12.70
N PHE C 98 -21.83 37.53 -12.09
CA PHE C 98 -20.67 38.01 -12.87
C PHE C 98 -20.04 36.90 -13.71
N VAL C 99 -20.14 35.67 -13.24
CA VAL C 99 -19.47 34.53 -13.83
C VAL C 99 -20.30 33.81 -14.89
N PHE C 100 -19.66 33.51 -16.02
CA PHE C 100 -20.27 32.73 -17.11
C PHE C 100 -20.37 31.24 -16.74
N LYS C 101 -19.34 30.68 -16.09
CA LYS C 101 -19.35 29.29 -15.65
C LYS C 101 -18.16 28.89 -14.74
N ILE C 102 -18.47 28.31 -13.57
CA ILE C 102 -17.45 27.86 -12.63
C ILE C 102 -17.12 26.38 -12.85
N HIS C 103 -15.84 26.06 -12.98
CA HIS C 103 -15.42 24.66 -13.14
C HIS C 103 -14.69 24.31 -11.85
N ASN C 104 -15.07 23.19 -11.27
CA ASN C 104 -14.57 22.77 -9.95
C ASN C 104 -13.83 21.46 -10.09
N ASN C 105 -12.57 21.44 -9.68
CA ASN C 105 -11.73 20.25 -9.72
C ASN C 105 -11.20 20.03 -8.34
N ARG C 106 -11.66 18.95 -7.75
CA ARG C 106 -11.43 18.64 -6.36
C ARG C 106 -10.85 17.26 -6.19
N GLY C 107 -9.89 17.12 -5.28
CA GLY C 107 -9.31 15.81 -5.03
C GLY C 107 -8.13 15.74 -4.09
N VAL C 108 -7.60 14.53 -3.98
CA VAL C 108 -6.51 14.19 -3.08
C VAL C 108 -5.15 14.38 -3.72
N VAL C 109 -4.23 14.93 -2.93
CA VAL C 109 -2.87 15.22 -3.40
C VAL C 109 -2.06 13.95 -3.48
N VAL C 110 -1.38 13.76 -4.60
CA VAL C 110 -0.56 12.58 -4.88
C VAL C 110 0.95 12.84 -4.72
N SER C 111 1.40 14.07 -4.93
CA SER C 111 2.81 14.38 -4.86
C SER C 111 2.98 15.87 -4.69
N GLU C 112 4.01 16.26 -3.97
CA GLU C 112 4.27 17.66 -3.74
C GLU C 112 5.76 17.94 -3.70
N PHE C 113 6.17 18.94 -4.46
CA PHE C 113 7.55 19.40 -4.47
C PHE C 113 7.60 20.85 -3.99
N ILE C 114 8.47 21.13 -3.03
CA ILE C 114 8.69 22.49 -2.56
C ILE C 114 10.20 22.66 -2.58
N ARG C 115 10.69 23.74 -3.20
CA ARG C 115 12.13 23.91 -3.36
C ARG C 115 12.89 24.22 -2.07
N SER C 116 14.22 24.13 -2.19
CA SER C 116 15.15 24.38 -1.08
C SER C 116 15.92 25.68 -1.28
N ALA D 9 4.69 36.81 -8.23
CA ALA D 9 4.56 35.34 -8.33
C ALA D 9 3.66 35.03 -9.51
N PHE D 10 3.90 33.88 -10.11
CA PHE D 10 3.23 33.45 -11.33
C PHE D 10 2.77 32.00 -11.15
N LEU D 11 1.60 31.68 -11.68
CA LEU D 11 0.98 30.34 -11.48
C LEU D 11 0.48 29.68 -12.74
N ASN D 12 0.56 28.35 -12.78
CA ASN D 12 -0.09 27.56 -13.82
C ASN D 12 -0.93 26.49 -13.15
N SER D 13 -2.25 26.67 -13.13
CA SER D 13 -3.12 25.64 -12.55
C SER D 13 -3.68 24.91 -13.73
N LEU D 14 -3.15 23.72 -13.97
CA LEU D 14 -3.55 22.97 -15.14
C LEU D 14 -4.21 21.68 -14.78
N PHE D 15 -4.91 21.12 -15.74
CA PHE D 15 -5.39 19.76 -15.60
C PHE D 15 -5.16 19.03 -16.91
N MSE D 16 -5.17 17.69 -16.79
CA MSE D 16 -4.94 16.75 -17.85
C MSE D 16 -6.00 15.64 -17.83
O MSE D 16 -6.22 15.05 -16.79
CB MSE D 16 -3.58 16.09 -17.63
CG MSE D 16 -2.41 17.08 -17.69
SE MSE D 16 -0.78 16.37 -17.00
CE MSE D 16 -0.65 14.80 -17.88
N ASP D 17 -6.63 15.37 -18.97
CA ASP D 17 -7.64 14.32 -19.11
C ASP D 17 -7.08 13.18 -19.95
N PHE D 18 -7.16 11.97 -19.41
CA PHE D 18 -6.61 10.79 -20.08
C PHE D 18 -7.70 10.05 -20.80
N THR D 19 -7.30 9.08 -21.61
CA THR D 19 -8.23 8.30 -22.40
C THR D 19 -8.85 7.16 -21.58
N SER D 20 -8.25 6.82 -20.44
CA SER D 20 -8.76 5.79 -19.54
C SER D 20 -8.21 6.00 -18.15
N GLU D 21 -8.78 5.25 -17.21
CA GLU D 21 -8.34 5.32 -15.83
C GLU D 21 -7.01 4.56 -15.72
N ASN D 22 -6.85 3.45 -16.47
CA ASN D 22 -5.59 2.69 -16.45
C ASN D 22 -4.39 3.51 -16.92
N GLU D 23 -4.63 4.39 -17.90
CA GLU D 23 -3.57 5.29 -18.38
C GLU D 23 -3.16 6.31 -17.33
N LEU D 24 -4.15 6.79 -16.57
CA LEU D 24 -3.93 7.75 -15.48
C LEU D 24 -3.15 7.07 -14.34
N GLU D 25 -3.52 5.84 -13.99
CA GLU D 25 -2.85 5.13 -12.91
C GLU D 25 -1.39 4.84 -13.29
N LEU D 26 -1.16 4.47 -14.55
CA LEU D 26 0.19 4.24 -15.07
C LEU D 26 1.03 5.54 -15.06
N PHE D 27 0.39 6.64 -15.42
CA PHE D 27 1.04 7.94 -15.39
C PHE D 27 1.47 8.26 -13.94
N LEU D 28 0.56 8.09 -13.00
CA LEU D 28 0.87 8.34 -11.60
C LEU D 28 2.01 7.46 -11.11
N LYS D 29 2.08 6.25 -11.62
CA LYS D 29 3.17 5.34 -11.29
C LYS D 29 4.49 5.66 -12.00
N SER D 30 4.51 6.63 -12.90
CA SER D 30 5.72 6.92 -13.66
C SER D 30 6.26 8.34 -13.46
N LEU D 31 5.74 9.04 -12.46
CA LEU D 31 6.08 10.45 -12.23
C LEU D 31 7.56 10.78 -12.17
N ASP D 32 8.35 9.93 -11.53
CA ASP D 32 9.80 10.14 -11.39
C ASP D 32 10.56 10.10 -12.73
N GLU D 33 9.93 9.56 -13.77
CA GLU D 33 10.57 9.45 -15.08
C GLU D 33 10.63 10.79 -15.82
N VAL D 34 9.71 11.70 -15.49
CA VAL D 34 9.73 13.06 -16.05
C VAL D 34 10.15 14.04 -14.97
N TRP D 35 9.40 14.04 -13.87
CA TRP D 35 9.65 14.95 -12.75
C TRP D 35 10.70 14.33 -11.83
N SER D 36 11.94 14.42 -12.30
CA SER D 36 13.09 13.84 -11.62
C SER D 36 13.80 14.89 -10.79
N GLU D 37 14.63 14.41 -9.89
CA GLU D 37 15.40 15.32 -9.05
C GLU D 37 16.25 16.22 -9.93
N ASP D 38 16.77 15.68 -11.04
CA ASP D 38 17.53 16.51 -11.98
C ASP D 38 16.66 17.60 -12.61
N LEU D 39 15.45 17.25 -13.05
CA LEU D 39 14.55 18.25 -13.60
C LEU D 39 14.19 19.25 -12.54
N TYR D 40 13.77 18.77 -11.37
CA TYR D 40 13.44 19.68 -10.28
C TYR D 40 14.60 20.59 -9.88
N SER D 41 15.82 20.05 -9.89
CA SER D 41 17.01 20.85 -9.59
C SER D 41 17.14 22.06 -10.54
N ARG D 42 16.95 21.83 -11.83
CA ARG D 42 17.01 22.92 -12.83
C ARG D 42 15.83 23.88 -12.67
N LEU D 43 14.63 23.34 -12.62
CA LEU D 43 13.47 24.18 -12.54
C LEU D 43 13.51 25.05 -11.29
N SER D 44 13.82 24.45 -10.15
CA SER D 44 13.83 25.19 -8.92
C SER D 44 14.90 26.29 -8.94
N ALA D 45 16.07 26.01 -9.52
CA ALA D 45 17.10 27.05 -9.64
C ALA D 45 16.62 28.18 -10.54
N ALA D 46 15.80 27.85 -11.54
CA ALA D 46 15.21 28.83 -12.45
C ALA D 46 14.03 29.60 -11.84
N GLY D 47 13.53 29.18 -10.67
CA GLY D 47 12.41 29.87 -10.01
C GLY D 47 11.10 29.09 -9.80
N LEU D 48 11.10 27.79 -10.03
CA LEU D 48 9.91 27.01 -9.70
C LEU D 48 9.97 26.90 -8.18
N ILE D 49 8.90 27.29 -7.49
CA ILE D 49 8.88 27.22 -6.03
C ILE D 49 8.17 25.96 -5.53
N ARG D 50 7.13 25.56 -6.24
CA ARG D 50 6.28 24.51 -5.78
C ARG D 50 5.61 23.77 -6.93
N HIS D 51 5.38 22.48 -6.74
CA HIS D 51 4.70 21.64 -7.73
C HIS D 51 3.78 20.64 -7.01
N VAL D 52 2.47 20.70 -7.30
CA VAL D 52 1.50 19.82 -6.67
C VAL D 52 0.67 19.04 -7.68
N ILE D 53 0.59 17.73 -7.47
CA ILE D 53 -0.10 16.78 -8.33
C ILE D 53 -1.24 16.20 -7.49
N SER D 54 -2.45 16.28 -8.03
CA SER D 54 -3.63 15.80 -7.37
C SER D 54 -4.51 15.00 -8.32
N LYS D 55 -5.13 13.94 -7.79
CA LYS D 55 -6.14 13.18 -8.51
C LYS D 55 -7.40 14.04 -8.44
N VAL D 56 -8.32 13.84 -9.38
CA VAL D 56 -9.56 14.61 -9.41
C VAL D 56 -10.76 13.67 -9.46
N TRP D 57 -11.77 13.99 -8.63
CA TRP D 57 -12.97 13.19 -8.49
C TRP D 57 -14.01 13.49 -9.57
N ASN D 58 -13.93 12.76 -10.68
CA ASN D 58 -14.93 12.80 -11.76
C ASN D 58 -15.33 11.38 -12.07
N GLU D 60 -17.17 10.91 -15.16
CA GLU D 60 -16.99 11.18 -16.59
C GLU D 60 -15.52 11.09 -17.06
N GLN D 61 -14.69 11.97 -16.52
CA GLN D 61 -13.29 12.12 -16.96
C GLN D 61 -12.24 11.53 -16.02
N HIS D 62 -11.08 11.25 -16.61
CA HIS D 62 -9.92 10.64 -15.93
C HIS D 62 -8.91 11.77 -15.83
N ARG D 63 -9.07 12.56 -14.77
CA ARG D 63 -8.35 13.80 -14.61
C ARG D 63 -7.30 13.90 -13.50
N ILE D 64 -6.24 14.63 -13.82
CA ILE D 64 -5.15 14.92 -12.90
C ILE D 64 -4.94 16.41 -12.92
N SER D 65 -4.77 16.97 -11.74
CA SER D 65 -4.53 18.38 -11.58
C SER D 65 -3.08 18.59 -11.21
N MSE D 66 -2.46 19.61 -11.79
CA MSE D 66 -1.11 20.01 -11.39
C MSE D 66 -1.07 21.50 -11.23
O MSE D 66 -1.57 22.21 -12.10
CB MSE D 66 -0.06 19.61 -12.39
CG MSE D 66 -0.04 18.18 -12.72
SE MSE D 66 1.59 17.73 -13.65
CE MSE D 66 1.63 18.56 -15.07
N VAL D 67 -0.52 21.98 -10.13
CA VAL D 67 -0.33 23.41 -9.94
C VAL D 67 1.16 23.69 -9.86
N PHE D 68 1.64 24.62 -10.69
CA PHE D 68 3.04 25.04 -10.65
C PHE D 68 3.08 26.52 -10.20
N GLU D 69 3.91 26.81 -9.21
CA GLU D 69 4.08 28.16 -8.74
C GLU D 69 5.53 28.58 -8.92
N TYR D 70 5.71 29.78 -9.47
CA TYR D 70 7.01 30.34 -9.80
C TYR D 70 7.22 31.64 -9.01
N ASP D 71 8.46 32.00 -8.77
CA ASP D 71 8.71 33.23 -8.03
C ASP D 71 8.48 34.50 -8.86
N SER D 72 8.25 34.34 -10.16
CA SER D 72 7.97 35.45 -11.12
C SER D 72 7.61 34.87 -12.49
N LYS D 73 7.10 35.70 -13.40
CA LYS D 73 6.73 35.24 -14.76
C LYS D 73 7.99 34.92 -15.57
N GLU D 74 9.07 35.62 -15.21
CA GLU D 74 10.40 35.42 -15.78
C GLU D 74 10.87 34.02 -15.36
N GLY D 75 10.61 33.65 -14.10
CA GLY D 75 10.93 32.31 -13.60
C GLY D 75 10.18 31.24 -14.38
N TYR D 76 8.91 31.50 -14.67
CA TYR D 76 8.11 30.57 -15.50
C TYR D 76 8.73 30.42 -16.90
N GLN D 77 9.01 31.55 -17.53
CA GLN D 77 9.57 31.55 -18.89
C GLN D 77 10.90 30.79 -18.98
N LYS D 78 11.82 31.10 -18.06
CA LYS D 78 13.12 30.45 -18.02
C LYS D 78 12.95 28.92 -17.77
N CYS D 79 11.96 28.51 -16.98
CA CYS D 79 11.69 27.09 -16.82
C CYS D 79 11.29 26.48 -18.15
N GLN D 80 10.41 27.16 -18.87
CA GLN D 80 9.97 26.69 -20.17
C GLN D 80 11.16 26.57 -21.10
N GLU D 81 12.09 27.53 -21.04
CA GLU D 81 13.31 27.45 -21.85
C GLU D 81 14.12 26.22 -21.44
N ILE D 82 14.25 25.96 -20.13
CA ILE D 82 14.99 24.79 -19.62
C ILE D 82 14.36 23.56 -20.27
N ILE D 83 13.06 23.43 -20.11
CA ILE D 83 12.28 22.34 -20.68
C ILE D 83 12.54 22.11 -22.18
N ASP D 84 12.58 23.21 -22.95
CA ASP D 84 12.77 23.14 -24.41
C ASP D 84 14.22 23.07 -24.91
N LYS D 85 15.12 23.81 -24.27
CA LYS D 85 16.52 23.84 -24.69
C LYS D 85 17.43 22.81 -24.01
N GLU D 86 17.14 22.44 -22.76
CA GLU D 86 17.96 21.43 -22.05
C GLU D 86 17.38 20.03 -22.06
N PHE D 87 16.08 19.90 -21.86
CA PHE D 87 15.44 18.58 -21.85
C PHE D 87 14.97 18.10 -23.24
N GLY D 88 14.56 19.04 -24.10
CA GLY D 88 14.23 18.78 -25.52
C GLY D 88 13.20 17.71 -25.92
N ILE D 89 13.36 17.20 -27.14
CA ILE D 89 12.43 16.18 -27.70
C ILE D 89 12.52 14.84 -26.96
N THR D 90 13.63 14.58 -26.27
CA THR D 90 13.78 13.38 -25.44
C THR D 90 12.72 13.36 -24.33
N LEU D 91 12.53 14.49 -23.66
CA LEU D 91 11.51 14.57 -22.62
C LEU D 91 10.10 14.64 -23.22
N LYS D 92 9.91 15.47 -24.24
CA LYS D 92 8.59 15.60 -24.86
C LYS D 92 8.03 14.24 -25.27
N GLU D 93 8.89 13.40 -25.88
CA GLU D 93 8.52 12.04 -26.29
C GLU D 93 8.21 11.11 -25.10
N LYS D 94 8.75 11.42 -23.91
CA LYS D 94 8.44 10.67 -22.70
C LYS D 94 6.99 10.95 -22.32
N LEU D 95 6.62 12.23 -22.28
CA LEU D 95 5.22 12.60 -21.99
C LEU D 95 4.27 12.16 -23.09
N LYS D 96 4.75 12.10 -24.33
CA LYS D 96 3.92 11.68 -25.46
C LYS D 96 3.51 10.22 -25.41
N LYS D 97 4.22 9.41 -24.62
CA LYS D 97 3.85 8.00 -24.46
C LYS D 97 2.44 7.89 -23.85
N PHE D 98 2.07 8.88 -23.05
CA PHE D 98 0.72 8.95 -22.46
C PHE D 98 -0.13 9.91 -23.26
N VAL D 99 -1.38 9.53 -23.51
CA VAL D 99 -2.28 10.38 -24.26
C VAL D 99 -3.17 11.12 -23.29
N PHE D 100 -3.04 12.44 -23.29
CA PHE D 100 -3.88 13.28 -22.46
C PHE D 100 -4.14 14.64 -23.12
N LYS D 101 -5.32 15.20 -22.81
CA LYS D 101 -5.66 16.53 -23.26
C LYS D 101 -5.29 17.48 -22.13
N ILE D 102 -4.48 18.49 -22.41
CA ILE D 102 -4.06 19.41 -21.38
C ILE D 102 -4.83 20.72 -21.45
N HIS D 103 -5.08 21.27 -20.27
CA HIS D 103 -5.73 22.55 -20.12
C HIS D 103 -4.83 23.39 -19.22
N ASN D 104 -4.15 24.36 -19.82
CA ASN D 104 -3.24 25.27 -19.15
C ASN D 104 -3.96 26.54 -18.73
N ASN D 105 -3.57 27.08 -17.57
CA ASN D 105 -4.13 28.33 -17.02
C ASN D 105 -3.01 29.05 -16.33
N ARG D 106 -2.27 29.80 -17.12
CA ARG D 106 -1.08 30.49 -16.68
C ARG D 106 -1.37 31.96 -16.48
N GLY D 107 -0.87 32.51 -15.38
CA GLY D 107 -1.06 33.96 -15.13
C GLY D 107 -0.44 34.44 -13.81
N VAL D 108 -0.44 35.75 -13.60
CA VAL D 108 0.11 36.28 -12.36
C VAL D 108 -0.82 36.04 -11.18
N VAL D 109 -0.23 35.97 -10.00
CA VAL D 109 -0.95 35.82 -8.74
C VAL D 109 -1.44 37.21 -8.31
N VAL D 110 -2.74 37.36 -8.08
CA VAL D 110 -3.30 38.65 -7.62
C VAL D 110 -3.52 38.66 -6.11
N SER D 111 -3.55 37.47 -5.51
CA SER D 111 -3.82 37.31 -4.10
C SER D 111 -3.40 35.91 -3.63
N GLU D 112 -2.85 35.86 -2.42
CA GLU D 112 -2.33 34.65 -1.83
C GLU D 112 -2.41 34.63 -0.31
N PHE D 113 -3.10 33.63 0.24
CA PHE D 113 -3.12 33.40 1.68
C PHE D 113 -2.26 32.17 1.93
N ILE D 114 -1.33 32.27 2.86
CA ILE D 114 -0.53 31.12 3.28
C ILE D 114 -0.61 31.07 4.80
N ARG D 115 -0.92 29.91 5.35
CA ARG D 115 -0.99 29.78 6.80
C ARG D 115 0.40 29.86 7.43
N ASP E 6 22.07 -17.93 8.29
CA ASP E 6 21.02 -18.83 7.69
C ASP E 6 21.37 -19.12 6.24
N GLU E 7 22.04 -20.26 6.02
CA GLU E 7 22.38 -20.68 4.68
C GLU E 7 21.12 -21.14 3.97
N THR E 8 21.18 -21.07 2.65
CA THR E 8 20.10 -21.43 1.75
C THR E 8 20.22 -22.91 1.46
N ALA E 9 19.12 -23.66 1.66
CA ALA E 9 19.09 -25.09 1.37
C ALA E 9 18.32 -25.40 0.09
N PHE E 10 17.31 -24.60 -0.21
CA PHE E 10 16.52 -24.77 -1.43
C PHE E 10 16.35 -23.46 -2.17
N LEU E 11 16.19 -23.55 -3.48
CA LEU E 11 16.12 -22.36 -4.31
C LEU E 11 15.24 -22.56 -5.53
N ASN E 12 14.25 -21.69 -5.71
CA ASN E 12 13.45 -21.70 -6.94
C ASN E 12 13.91 -20.48 -7.77
N SER E 13 14.30 -20.77 -9.01
CA SER E 13 14.69 -19.77 -9.98
C SER E 13 13.54 -19.75 -10.98
N LEU E 14 12.67 -18.77 -10.83
CA LEU E 14 11.48 -18.67 -11.63
C LEU E 14 11.57 -17.59 -12.75
N PHE E 15 10.81 -17.79 -13.83
CA PHE E 15 10.66 -16.78 -14.89
C PHE E 15 9.19 -16.60 -15.24
N MSE E 16 8.76 -15.34 -15.36
CA MSE E 16 7.40 -15.00 -15.80
C MSE E 16 7.53 -14.33 -17.14
O MSE E 16 8.19 -13.29 -17.24
CB MSE E 16 6.72 -14.02 -14.86
CG MSE E 16 6.46 -14.51 -13.45
SE MSE E 16 6.06 -12.99 -12.34
CE MSE E 16 4.60 -12.39 -13.08
N ASP E 17 6.89 -14.88 -18.16
CA ASP E 17 6.89 -14.30 -19.50
C ASP E 17 5.54 -13.68 -19.78
N PHE E 18 5.50 -12.36 -19.91
CA PHE E 18 4.25 -11.64 -20.11
C PHE E 18 3.81 -11.70 -21.57
N THR E 19 2.55 -11.33 -21.84
CA THR E 19 2.06 -11.29 -23.20
C THR E 19 2.37 -9.94 -23.86
N SER E 20 2.87 -8.99 -23.08
CA SER E 20 3.24 -7.68 -23.59
C SER E 20 4.27 -6.99 -22.67
N GLU E 21 5.00 -6.03 -23.23
CA GLU E 21 5.99 -5.24 -22.47
C GLU E 21 5.23 -4.30 -21.53
N ASN E 22 4.03 -3.88 -21.97
CA ASN E 22 3.17 -3.00 -21.19
C ASN E 22 2.78 -3.68 -19.87
N GLU E 23 2.40 -4.95 -19.95
CA GLU E 23 2.08 -5.70 -18.74
C GLU E 23 3.32 -5.78 -17.85
N LEU E 24 4.47 -6.12 -18.44
CA LEU E 24 5.71 -6.24 -17.68
C LEU E 24 6.01 -4.98 -16.85
N GLU E 25 6.03 -3.81 -17.51
CA GLU E 25 6.31 -2.53 -16.84
C GLU E 25 5.30 -2.25 -15.74
N LEU E 26 4.02 -2.44 -16.06
CA LEU E 26 2.94 -2.23 -15.09
C LEU E 26 3.16 -3.07 -13.85
N PHE E 27 3.60 -4.32 -14.07
CA PHE E 27 3.86 -5.22 -12.98
C PHE E 27 5.00 -4.67 -12.13
N LEU E 28 6.11 -4.30 -12.77
CA LEU E 28 7.28 -3.74 -12.05
C LEU E 28 6.97 -2.43 -11.29
N LYS E 29 6.08 -1.59 -11.86
CA LYS E 29 5.66 -0.36 -11.20
C LYS E 29 4.54 -0.59 -10.17
N SER E 30 4.19 -1.85 -9.90
CA SER E 30 3.14 -2.17 -8.94
C SER E 30 3.57 -3.25 -7.93
N LEU E 31 4.86 -3.49 -7.78
CA LEU E 31 5.36 -4.54 -6.88
C LEU E 31 4.91 -4.42 -5.40
N ASP E 32 4.80 -3.19 -4.90
CA ASP E 32 4.40 -2.94 -3.51
C ASP E 32 2.96 -3.39 -3.19
N GLU E 33 2.16 -3.47 -4.25
CA GLU E 33 0.76 -3.85 -4.17
C GLU E 33 0.57 -5.34 -4.28
N VAL E 34 1.61 -6.03 -4.76
CA VAL E 34 1.62 -7.48 -4.92
C VAL E 34 2.54 -8.14 -3.89
N TRP E 35 3.81 -7.73 -3.90
CA TRP E 35 4.79 -8.24 -2.95
C TRP E 35 4.92 -7.28 -1.78
N SER E 36 3.90 -7.27 -0.92
CA SER E 36 3.78 -6.37 0.21
C SER E 36 4.73 -6.70 1.34
N GLU E 37 4.85 -5.75 2.27
CA GLU E 37 5.67 -5.94 3.46
C GLU E 37 5.12 -7.06 4.33
N ASP E 38 3.81 -7.09 4.53
CA ASP E 38 3.23 -8.13 5.35
C ASP E 38 3.45 -9.53 4.78
N LEU E 39 3.38 -9.67 3.45
CA LEU E 39 3.63 -10.94 2.82
C LEU E 39 5.09 -11.36 3.07
N TYR E 40 6.04 -10.46 2.83
CA TYR E 40 7.46 -10.73 3.09
C TYR E 40 7.69 -11.14 4.55
N SER E 41 6.99 -10.46 5.45
CA SER E 41 6.98 -10.78 6.87
C SER E 41 6.46 -12.23 7.10
N ARG E 42 5.34 -12.60 6.48
CA ARG E 42 4.81 -13.97 6.62
C ARG E 42 5.72 -15.03 5.98
N LEU E 43 6.30 -14.72 4.82
CA LEU E 43 7.19 -15.67 4.14
C LEU E 43 8.48 -15.83 4.92
N SER E 44 9.03 -14.71 5.37
CA SER E 44 10.25 -14.66 6.18
C SER E 44 10.18 -15.59 7.42
N ALA E 45 9.09 -15.50 8.18
CA ALA E 45 8.87 -16.34 9.35
C ALA E 45 8.65 -17.84 9.00
N ALA E 46 8.26 -18.13 7.75
CA ALA E 46 8.02 -19.49 7.30
C ALA E 46 9.25 -20.13 6.65
N GLY E 47 10.32 -19.38 6.41
CA GLY E 47 11.55 -19.93 5.85
C GLY E 47 12.12 -19.29 4.62
N LEU E 48 11.59 -18.13 4.21
CA LEU E 48 12.11 -17.43 3.02
C LEU E 48 13.29 -16.62 3.48
N ILE E 49 14.45 -16.86 2.88
CA ILE E 49 15.64 -16.11 3.23
C ILE E 49 15.79 -14.88 2.32
N ARG E 50 15.54 -15.06 1.03
CA ARG E 50 15.78 -13.99 0.08
C ARG E 50 14.83 -14.11 -1.11
N HIS E 51 14.56 -12.97 -1.74
CA HIS E 51 13.74 -12.92 -2.93
C HIS E 51 14.28 -11.81 -3.81
N VAL E 52 14.77 -12.20 -4.97
CA VAL E 52 15.35 -11.25 -5.90
C VAL E 52 14.51 -11.21 -7.15
N ILE E 53 14.11 -10.00 -7.51
CA ILE E 53 13.30 -9.78 -8.69
C ILE E 53 14.16 -8.96 -9.61
N SER E 54 14.39 -9.46 -10.83
CA SER E 54 15.21 -8.77 -11.81
C SER E 54 14.68 -8.81 -13.26
N LYS E 55 15.09 -7.81 -14.02
CA LYS E 55 14.77 -7.71 -15.43
C LYS E 55 15.74 -8.62 -16.19
N VAL E 56 15.36 -9.00 -17.40
CA VAL E 56 16.13 -9.94 -18.20
C VAL E 56 16.32 -9.37 -19.60
N TRP E 57 17.57 -9.24 -20.06
CA TRP E 57 17.78 -8.73 -21.41
CA TRP E 57 17.85 -8.75 -21.42
C TRP E 57 17.34 -9.81 -22.41
N ASN E 58 16.33 -9.50 -23.21
CA ASN E 58 15.75 -10.48 -24.15
C ASN E 58 14.70 -9.81 -25.05
N LYS E 59 15.00 -9.69 -26.33
CA LYS E 59 14.08 -9.07 -27.29
C LYS E 59 12.90 -9.96 -27.69
N GLU E 60 13.08 -11.27 -27.59
CA GLU E 60 12.04 -12.24 -27.98
C GLU E 60 10.89 -12.37 -26.96
N GLN E 61 11.19 -12.16 -25.68
CA GLN E 61 10.17 -12.29 -24.63
C GLN E 61 10.14 -11.12 -23.69
N HIS E 62 9.02 -11.02 -22.97
CA HIS E 62 8.79 -9.98 -21.99
C HIS E 62 8.96 -10.68 -20.67
N ARG E 63 10.21 -10.93 -20.33
CA ARG E 63 10.58 -11.75 -19.19
C ARG E 63 11.10 -11.07 -17.94
N ILE E 64 10.61 -11.53 -16.79
CA ILE E 64 11.22 -11.17 -15.51
C ILE E 64 11.66 -12.44 -14.76
N SER E 65 12.79 -12.33 -14.06
CA SER E 65 13.31 -13.42 -13.22
C SER E 65 13.01 -13.15 -11.76
N MSE E 66 12.73 -14.24 -11.04
CA MSE E 66 12.54 -14.20 -9.59
C MSE E 66 13.25 -15.37 -8.98
O MSE E 66 12.92 -16.52 -9.28
CB MSE E 66 11.08 -14.29 -9.16
CG MSE E 66 10.23 -13.14 -9.62
SE MSE E 66 8.45 -13.19 -8.86
CE MSE E 66 8.08 -11.48 -9.21
N VAL E 67 14.20 -15.07 -8.10
CA VAL E 67 14.93 -16.07 -7.38
C VAL E 67 14.42 -16.12 -5.95
N PHE E 68 13.98 -17.30 -5.51
CA PHE E 68 13.51 -17.52 -4.14
C PHE E 68 14.46 -18.47 -3.42
N GLU E 69 14.98 -18.05 -2.27
CA GLU E 69 15.87 -18.85 -1.46
C GLU E 69 15.17 -19.19 -0.14
N TYR E 70 15.25 -20.45 0.26
CA TYR E 70 14.61 -20.90 1.49
C TYR E 70 15.62 -21.65 2.38
N ASP E 71 15.38 -21.60 3.70
CA ASP E 71 16.22 -22.23 4.71
C ASP E 71 16.01 -23.73 4.88
N SER E 72 15.00 -24.28 4.22
CA SER E 72 14.66 -25.67 4.36
C SER E 72 13.55 -26.03 3.36
N LYS E 73 13.29 -27.32 3.23
CA LYS E 73 12.25 -27.87 2.34
C LYS E 73 10.84 -27.60 2.85
N GLU E 74 10.64 -27.71 4.16
CA GLU E 74 9.34 -27.40 4.75
C GLU E 74 9.08 -25.88 4.64
N GLY E 75 10.15 -25.08 4.65
CA GLY E 75 10.08 -23.63 4.49
C GLY E 75 9.54 -23.31 3.11
N TYR E 76 10.16 -23.90 2.10
CA TYR E 76 9.71 -23.74 0.72
C TYR E 76 8.20 -24.08 0.61
N GLN E 77 7.83 -25.23 1.13
CA GLN E 77 6.44 -25.71 1.10
C GLN E 77 5.47 -24.79 1.83
N LYS E 78 5.71 -24.46 3.10
CA LYS E 78 4.83 -23.54 3.83
C LYS E 78 4.70 -22.20 3.08
N CYS E 79 5.83 -21.68 2.58
CA CYS E 79 5.87 -20.45 1.78
C CYS E 79 5.12 -20.59 0.47
N GLN E 80 5.20 -21.76 -0.14
CA GLN E 80 4.48 -22.00 -1.39
C GLN E 80 2.96 -21.91 -1.11
N GLU E 81 2.53 -22.44 0.04
CA GLU E 81 1.11 -22.39 0.43
C GLU E 81 0.61 -20.94 0.65
N ILE E 82 1.46 -20.13 1.26
CA ILE E 82 1.21 -18.73 1.52
C ILE E 82 1.08 -17.95 0.20
N ILE E 83 1.97 -18.24 -0.73
CA ILE E 83 2.01 -17.63 -2.05
C ILE E 83 0.80 -18.01 -2.90
N ASP E 84 0.47 -19.30 -2.92
CA ASP E 84 -0.66 -19.81 -3.69
C ASP E 84 -1.98 -19.15 -3.22
N LYS E 85 -2.14 -19.04 -1.90
CA LYS E 85 -3.34 -18.44 -1.33
C LYS E 85 -3.41 -16.93 -1.62
N GLU E 86 -2.33 -16.25 -1.33
CA GLU E 86 -2.22 -14.82 -1.55
C GLU E 86 -2.63 -14.43 -2.98
N PHE E 87 -2.01 -15.08 -3.94
CA PHE E 87 -2.23 -14.76 -5.34
C PHE E 87 -3.36 -15.48 -6.02
N GLY E 88 -3.66 -16.72 -5.60
CA GLY E 88 -4.78 -17.45 -6.16
C GLY E 88 -6.12 -16.98 -5.63
N ILE E 89 -6.14 -16.37 -4.45
CA ILE E 89 -7.40 -15.97 -3.80
C ILE E 89 -7.41 -14.54 -3.32
N THR E 90 -6.45 -14.16 -2.50
CA THR E 90 -6.45 -12.82 -1.88
C THR E 90 -6.26 -11.68 -2.89
N LEU E 91 -5.19 -11.70 -3.65
CA LEU E 91 -4.95 -10.68 -4.68
C LEU E 91 -5.48 -11.13 -6.05
N LYS E 92 -6.42 -12.07 -6.03
CA LYS E 92 -7.04 -12.63 -7.24
C LYS E 92 -7.51 -11.59 -8.26
N GLU E 93 -8.34 -10.64 -7.81
CA GLU E 93 -8.91 -9.62 -8.71
C GLU E 93 -7.87 -8.60 -9.25
N LYS E 94 -6.94 -8.19 -8.40
CA LYS E 94 -5.86 -7.27 -8.82
C LYS E 94 -4.94 -7.90 -9.88
N LEU E 95 -4.78 -9.22 -9.81
CA LEU E 95 -3.88 -9.94 -10.70
C LEU E 95 -4.44 -10.34 -12.04
N LYS E 96 -5.76 -10.23 -12.25
CA LYS E 96 -6.36 -10.61 -13.54
C LYS E 96 -5.81 -9.81 -14.71
N LYS E 97 -5.30 -8.61 -14.44
CA LYS E 97 -4.75 -7.76 -15.50
C LYS E 97 -3.38 -8.21 -16.03
N PHE E 98 -2.75 -9.20 -15.39
CA PHE E 98 -1.51 -9.75 -15.88
C PHE E 98 -1.73 -11.17 -16.37
N VAL E 99 -1.42 -11.42 -17.63
CA VAL E 99 -1.43 -12.77 -18.20
C VAL E 99 0.04 -13.07 -18.47
N PHE E 100 0.52 -14.17 -17.91
CA PHE E 100 1.91 -14.57 -18.09
C PHE E 100 2.04 -16.08 -18.02
N LYS E 101 3.21 -16.56 -18.45
CA LYS E 101 3.55 -17.96 -18.39
C LYS E 101 4.73 -18.08 -17.41
N ILE E 102 4.61 -19.01 -16.47
CA ILE E 102 5.61 -19.26 -15.45
C ILE E 102 6.50 -20.44 -15.89
N HIS E 103 7.79 -20.31 -15.64
CA HIS E 103 8.75 -21.38 -15.85
C HIS E 103 9.42 -21.52 -14.49
N ASN E 104 9.29 -22.67 -13.87
CA ASN E 104 9.89 -22.95 -12.56
C ASN E 104 11.10 -23.84 -12.65
N ASN E 105 11.99 -23.65 -11.68
CA ASN E 105 13.21 -24.44 -11.53
C ASN E 105 13.43 -24.54 -10.03
N ARG E 106 12.87 -25.61 -9.47
CA ARG E 106 12.93 -25.86 -8.03
CA ARG E 106 12.93 -25.86 -8.03
C ARG E 106 14.11 -26.78 -7.77
N GLY E 107 15.10 -26.28 -7.04
CA GLY E 107 16.26 -27.09 -6.79
C GLY E 107 16.80 -27.07 -5.39
N VAL E 108 17.64 -28.06 -5.12
CA VAL E 108 18.31 -28.20 -3.85
C VAL E 108 19.72 -27.65 -4.06
N VAL E 109 20.11 -26.77 -3.16
CA VAL E 109 21.40 -26.14 -3.20
C VAL E 109 22.48 -27.16 -2.92
N VAL E 110 23.46 -27.24 -3.81
CA VAL E 110 24.60 -28.16 -3.66
C VAL E 110 25.86 -27.37 -3.28
N SER E 111 25.94 -26.10 -3.69
CA SER E 111 27.08 -25.27 -3.35
C SER E 111 26.70 -23.82 -3.37
N GLU E 112 27.44 -23.05 -2.58
CA GLU E 112 27.21 -21.62 -2.48
C GLU E 112 28.50 -20.88 -2.11
N PHE E 113 28.81 -19.86 -2.92
CA PHE E 113 29.91 -18.95 -2.67
C PHE E 113 29.28 -17.63 -2.22
N ILE E 114 29.89 -17.03 -1.20
CA ILE E 114 29.48 -15.73 -0.68
C ILE E 114 30.77 -14.96 -0.46
N ARG E 115 30.80 -13.72 -0.95
CA ARG E 115 31.98 -12.84 -0.79
C ARG E 115 32.13 -12.38 0.67
N SER E 116 33.36 -12.34 1.17
CA SER E 116 33.61 -11.85 2.52
C SER E 116 33.30 -10.33 2.62
N THR F 8 23.51 -6.41 -4.20
CA THR F 8 23.38 -7.00 -5.59
C THR F 8 22.55 -6.10 -6.51
N ALA F 9 23.13 -5.65 -7.63
CA ALA F 9 22.41 -4.81 -8.59
C ALA F 9 22.17 -5.50 -9.92
N PHE F 10 22.93 -6.55 -10.22
CA PHE F 10 22.81 -7.25 -11.49
C PHE F 10 22.87 -8.75 -11.23
N LEU F 11 22.14 -9.52 -12.03
CA LEU F 11 21.99 -10.94 -11.77
C LEU F 11 21.95 -11.80 -13.01
N ASN F 12 22.50 -13.00 -12.94
CA ASN F 12 22.40 -13.96 -14.03
C ASN F 12 21.91 -15.31 -13.45
N SER F 13 20.69 -15.69 -13.83
CA SER F 13 20.09 -16.96 -13.45
C SER F 13 20.24 -17.84 -14.70
N LEU F 14 21.26 -18.69 -14.65
CA LEU F 14 21.67 -19.53 -15.75
C LEU F 14 21.35 -21.01 -15.51
N PHE F 15 21.26 -21.77 -16.61
CA PHE F 15 20.99 -23.21 -16.57
C PHE F 15 21.87 -24.00 -17.51
N MSE F 16 22.30 -25.16 -17.02
CA MSE F 16 23.11 -26.09 -17.76
C MSE F 16 22.29 -27.32 -17.94
O MSE F 16 21.91 -27.96 -16.96
CB MSE F 16 24.38 -26.48 -16.97
CG MSE F 16 25.45 -25.40 -16.86
SE MSE F 16 26.93 -25.91 -15.65
CE MSE F 16 26.02 -25.72 -14.14
N ASP F 17 21.98 -27.68 -19.18
CA ASP F 17 21.23 -28.89 -19.41
C ASP F 17 22.17 -29.89 -20.02
N PHE F 18 22.21 -31.07 -19.40
CA PHE F 18 23.06 -32.18 -19.81
C PHE F 18 22.25 -33.24 -20.53
N THR F 19 22.93 -34.12 -21.24
CA THR F 19 22.23 -35.15 -22.00
C THR F 19 21.95 -36.38 -21.14
N SER F 20 22.57 -36.43 -19.95
CA SER F 20 22.44 -37.56 -19.03
CA SER F 20 22.40 -37.56 -19.03
C SER F 20 22.44 -37.09 -17.58
N GLU F 21 21.83 -37.86 -16.70
CA GLU F 21 21.83 -37.56 -15.29
C GLU F 21 23.22 -37.92 -14.71
N ASN F 22 23.90 -38.91 -15.30
CA ASN F 22 25.26 -39.29 -14.88
C ASN F 22 26.27 -38.19 -15.18
N GLU F 23 26.16 -37.56 -16.34
CA GLU F 23 27.09 -36.47 -16.69
C GLU F 23 26.81 -35.29 -15.81
N LEU F 24 25.53 -35.09 -15.49
CA LEU F 24 25.16 -34.02 -14.60
C LEU F 24 25.83 -34.26 -13.26
N GLU F 25 25.63 -35.44 -12.68
CA GLU F 25 26.27 -35.81 -11.38
C GLU F 25 27.81 -35.76 -11.41
N LEU F 26 28.43 -36.21 -12.50
CA LEU F 26 29.88 -36.14 -12.60
C LEU F 26 30.33 -34.65 -12.53
N PHE F 27 29.65 -33.74 -13.22
CA PHE F 27 29.98 -32.31 -13.12
C PHE F 27 29.91 -31.82 -11.65
N LEU F 28 28.83 -32.18 -10.95
CA LEU F 28 28.65 -31.78 -9.54
C LEU F 28 29.73 -32.32 -8.62
N LYS F 29 30.12 -33.58 -8.83
CA LYS F 29 31.22 -34.17 -8.06
C LYS F 29 32.59 -33.55 -8.44
N SER F 30 32.63 -32.72 -9.49
CA SER F 30 33.86 -32.10 -9.94
C SER F 30 33.93 -30.57 -9.73
N LEU F 31 32.91 -29.96 -9.11
CA LEU F 31 32.87 -28.49 -8.95
C LEU F 31 34.13 -27.82 -8.41
N ASP F 32 34.73 -28.45 -7.42
CA ASP F 32 35.95 -27.98 -6.81
C ASP F 32 37.08 -27.79 -7.85
N GLU F 33 37.16 -28.73 -8.78
CA GLU F 33 38.16 -28.74 -9.84
C GLU F 33 37.87 -27.66 -10.89
N VAL F 34 36.61 -27.24 -11.01
CA VAL F 34 36.17 -26.26 -12.01
C VAL F 34 36.02 -24.86 -11.41
N TRP F 35 35.16 -24.77 -10.38
CA TRP F 35 34.93 -23.55 -9.65
C TRP F 35 35.87 -23.55 -8.48
N SER F 36 37.13 -23.26 -8.78
CA SER F 36 38.18 -23.24 -7.79
C SER F 36 38.09 -22.05 -6.85
N GLU F 37 38.89 -22.18 -5.80
CA GLU F 37 39.06 -21.22 -4.74
C GLU F 37 39.78 -20.01 -5.32
N ASP F 38 40.71 -20.27 -6.25
CA ASP F 38 41.44 -19.20 -6.91
C ASP F 38 40.52 -18.42 -7.80
N LEU F 39 39.74 -19.13 -8.62
CA LEU F 39 38.81 -18.47 -9.55
C LEU F 39 37.88 -17.51 -8.80
N TYR F 40 37.24 -18.02 -7.74
CA TYR F 40 36.35 -17.21 -6.91
C TYR F 40 37.00 -15.98 -6.33
N SER F 41 38.30 -16.05 -6.02
CA SER F 41 39.04 -14.91 -5.46
C SER F 41 39.14 -13.80 -6.51
N ARG F 42 39.43 -14.20 -7.74
CA ARG F 42 39.48 -13.25 -8.84
C ARG F 42 38.09 -12.71 -9.18
N LEU F 43 37.11 -13.60 -9.26
CA LEU F 43 35.75 -13.17 -9.55
C LEU F 43 35.22 -12.25 -8.49
N SER F 44 35.52 -12.56 -7.23
CA SER F 44 35.12 -11.73 -6.11
C SER F 44 35.68 -10.31 -6.24
N ALA F 45 36.96 -10.21 -6.60
CA ALA F 45 37.59 -8.91 -6.80
C ALA F 45 36.94 -8.13 -7.95
N ALA F 46 36.49 -8.86 -8.98
CA ALA F 46 35.85 -8.29 -10.18
C ALA F 46 34.39 -7.87 -10.00
N GLY F 47 33.78 -8.19 -8.87
CA GLY F 47 32.40 -7.78 -8.60
C GLY F 47 31.39 -8.85 -8.26
N LEU F 48 31.82 -10.11 -8.13
CA LEU F 48 30.90 -11.18 -7.82
C LEU F 48 30.57 -11.14 -6.32
N ILE F 49 29.29 -11.12 -5.98
CA ILE F 49 28.85 -11.12 -4.57
C ILE F 49 28.43 -12.51 -4.10
N ARG F 50 27.75 -13.25 -4.97
CA ARG F 50 27.25 -14.58 -4.63
C ARG F 50 27.15 -15.48 -5.84
N HIS F 51 27.28 -16.78 -5.58
CA HIS F 51 27.10 -17.79 -6.60
C HIS F 51 26.48 -19.00 -5.92
N VAL F 52 25.29 -19.37 -6.39
CA VAL F 52 24.58 -20.51 -5.85
C VAL F 52 24.38 -21.52 -6.97
N ILE F 53 24.80 -22.75 -6.69
CA ILE F 53 24.70 -23.86 -7.63
C ILE F 53 23.68 -24.82 -7.00
N SER F 54 22.59 -25.10 -7.71
CA SER F 54 21.52 -25.97 -7.21
CA SER F 54 21.55 -25.99 -7.19
C SER F 54 21.16 -27.00 -8.24
N LYS F 55 20.69 -28.14 -7.78
CA LYS F 55 20.28 -29.26 -8.60
C LYS F 55 18.79 -29.14 -8.83
N VAL F 56 18.35 -29.02 -10.07
CA VAL F 56 16.90 -28.86 -10.37
C VAL F 56 16.08 -30.18 -10.36
N TRP F 57 14.99 -30.21 -9.59
CA TRP F 57 14.12 -31.37 -9.51
C TRP F 57 13.12 -31.32 -10.66
N ASN F 58 13.33 -32.16 -11.66
CA ASN F 58 12.46 -32.20 -12.83
C ASN F 58 12.80 -33.48 -13.60
N LYS F 59 11.78 -34.31 -13.84
CA LYS F 59 11.96 -35.57 -14.56
C LYS F 59 12.22 -35.39 -16.07
N GLU F 60 11.79 -34.26 -16.64
CA GLU F 60 11.94 -33.96 -18.08
C GLU F 60 13.26 -33.24 -18.42
N GLN F 61 14.10 -33.00 -17.41
CA GLN F 61 15.37 -32.26 -17.55
C GLN F 61 16.55 -32.95 -16.83
N HIS F 62 17.76 -32.61 -17.27
CA HIS F 62 19.00 -33.01 -16.58
C HIS F 62 19.68 -31.65 -16.40
N ARG F 63 19.12 -30.90 -15.46
CA ARG F 63 19.45 -29.51 -15.26
C ARG F 63 20.05 -29.04 -13.93
N ILE F 64 21.05 -28.18 -14.04
CA ILE F 64 21.68 -27.51 -12.92
C ILE F 64 21.39 -26.05 -13.07
N SER F 65 21.06 -25.41 -11.97
CA SER F 65 20.83 -23.99 -11.91
C SER F 65 22.03 -23.25 -11.27
N MSE F 66 22.39 -22.11 -11.83
CA MSE F 66 23.46 -21.28 -11.27
C MSE F 66 23.02 -19.84 -11.23
O MSE F 66 22.80 -19.23 -12.27
CB MSE F 66 24.72 -21.37 -12.08
CG MSE F 66 25.48 -22.67 -11.87
SE MSE F 66 27.21 -22.58 -12.76
CE MSE F 66 28.16 -23.87 -11.82
N VAL F 67 22.89 -19.31 -10.02
CA VAL F 67 22.56 -17.90 -9.82
C VAL F 67 23.82 -17.16 -9.44
N PHE F 68 24.12 -16.08 -10.17
CA PHE F 68 25.25 -15.21 -9.94
C PHE F 68 24.70 -13.83 -9.66
N GLU F 69 25.20 -13.17 -8.60
CA GLU F 69 24.83 -11.81 -8.25
C GLU F 69 26.09 -11.00 -8.23
N TYR F 70 26.01 -9.79 -8.78
CA TYR F 70 27.15 -8.91 -8.94
C TYR F 70 26.82 -7.53 -8.46
N ASP F 71 27.86 -6.77 -8.12
CA ASP F 71 27.70 -5.41 -7.66
C ASP F 71 27.19 -4.45 -8.75
N SER F 72 27.37 -4.81 -10.01
CA SER F 72 26.89 -4.01 -11.14
C SER F 72 26.97 -4.78 -12.44
N LYS F 73 26.40 -4.21 -13.49
CA LYS F 73 26.52 -4.80 -14.84
C LYS F 73 27.98 -4.88 -15.25
N GLU F 74 28.76 -3.86 -14.88
CA GLU F 74 30.20 -3.81 -15.22
C GLU F 74 30.93 -4.95 -14.53
N GLY F 75 30.50 -5.25 -13.29
CA GLY F 75 30.99 -6.39 -12.53
C GLY F 75 30.69 -7.70 -13.23
N TYR F 76 29.45 -7.85 -13.73
CA TYR F 76 29.07 -9.04 -14.51
C TYR F 76 30.03 -9.20 -15.71
N GLN F 77 30.25 -8.12 -16.45
CA GLN F 77 31.08 -8.15 -17.64
C GLN F 77 32.53 -8.49 -17.33
N LYS F 78 33.11 -7.91 -16.26
CA LYS F 78 34.49 -8.26 -15.82
C LYS F 78 34.58 -9.72 -15.41
N CYS F 79 33.57 -10.19 -14.67
CA CYS F 79 33.51 -11.59 -14.31
C CYS F 79 33.40 -12.49 -15.53
N GLN F 80 32.59 -12.08 -16.50
CA GLN F 80 32.40 -12.91 -17.68
C GLN F 80 33.67 -13.12 -18.51
N GLU F 81 34.49 -12.08 -18.66
CA GLU F 81 35.75 -12.25 -19.42
C GLU F 81 36.74 -13.13 -18.67
N ILE F 82 36.73 -13.07 -17.33
CA ILE F 82 37.58 -13.91 -16.52
C ILE F 82 37.08 -15.34 -16.64
N ILE F 83 35.76 -15.53 -16.52
CA ILE F 83 35.13 -16.86 -16.65
C ILE F 83 35.34 -17.47 -18.04
N ASP F 84 35.10 -16.68 -19.08
CA ASP F 84 35.31 -17.16 -20.44
C ASP F 84 36.78 -17.57 -20.68
N LYS F 85 37.72 -16.89 -20.04
CA LYS F 85 39.13 -17.28 -20.20
C LYS F 85 39.43 -18.56 -19.41
N GLU F 86 38.95 -18.62 -18.18
CA GLU F 86 39.18 -19.80 -17.34
C GLU F 86 38.70 -21.07 -18.03
N PHE F 87 37.45 -21.10 -18.46
CA PHE F 87 36.84 -22.30 -19.06
C PHE F 87 37.05 -22.49 -20.56
N GLY F 88 37.03 -21.41 -21.34
CA GLY F 88 37.27 -21.50 -22.76
C GLY F 88 38.73 -21.77 -23.11
N ILE F 89 39.66 -21.37 -22.24
CA ILE F 89 41.10 -21.52 -22.54
C ILE F 89 41.86 -22.33 -21.49
N THR F 90 41.87 -21.83 -20.26
CA THR F 90 42.67 -22.41 -19.19
C THR F 90 42.28 -23.83 -18.81
N LEU F 91 40.99 -24.15 -18.86
CA LEU F 91 40.48 -25.49 -18.55
C LEU F 91 39.76 -26.13 -19.72
N LYS F 92 40.03 -25.70 -20.95
CA LYS F 92 39.33 -26.23 -22.12
C LYS F 92 39.42 -27.75 -22.19
N GLU F 93 40.65 -28.27 -22.03
CA GLU F 93 40.91 -29.72 -22.05
C GLU F 93 40.28 -30.46 -20.88
N LYS F 94 40.43 -29.94 -19.67
CA LYS F 94 39.82 -30.58 -18.50
C LYS F 94 38.29 -30.62 -18.59
N LEU F 95 37.69 -29.62 -19.24
CA LEU F 95 36.23 -29.53 -19.38
C LEU F 95 35.62 -30.18 -20.62
N LYS F 96 36.43 -30.54 -21.62
CA LYS F 96 35.89 -31.10 -22.86
C LYS F 96 35.00 -32.34 -22.68
N LYS F 97 35.16 -33.07 -21.57
CA LYS F 97 34.31 -34.25 -21.29
C LYS F 97 32.83 -33.93 -21.05
N PHE F 98 32.52 -32.69 -20.67
CA PHE F 98 31.12 -32.30 -20.38
C PHE F 98 30.40 -31.68 -21.58
N VAL F 99 29.31 -32.32 -22.01
CA VAL F 99 28.48 -31.81 -23.08
C VAL F 99 27.18 -31.32 -22.42
N PHE F 100 26.84 -30.06 -22.69
CA PHE F 100 25.67 -29.43 -22.11
C PHE F 100 25.36 -28.13 -22.84
N LYS F 101 24.12 -27.66 -22.73
CA LYS F 101 23.71 -26.40 -23.33
C LYS F 101 23.56 -25.42 -22.17
N ILE F 102 23.74 -24.13 -22.44
CA ILE F 102 23.54 -23.07 -21.44
C ILE F 102 22.40 -22.14 -21.85
N HIS F 103 21.62 -21.70 -20.86
CA HIS F 103 20.58 -20.69 -21.08
C HIS F 103 20.83 -19.64 -20.06
N ASN F 104 21.08 -18.41 -20.49
CA ASN F 104 21.34 -17.31 -19.58
C ASN F 104 20.08 -16.46 -19.46
N ASN F 105 19.97 -15.78 -18.34
CA ASN F 105 18.92 -14.81 -18.07
C ASN F 105 19.58 -13.76 -17.20
N ARG F 106 20.05 -12.70 -17.86
CA ARG F 106 20.78 -11.61 -17.22
C ARG F 106 20.03 -10.29 -17.23
N GLY F 107 20.19 -9.51 -16.16
CA GLY F 107 19.61 -8.19 -16.06
C GLY F 107 19.68 -7.57 -14.69
N VAL F 108 19.29 -6.30 -14.63
CA VAL F 108 19.32 -5.53 -13.40
C VAL F 108 18.29 -5.99 -12.38
N VAL F 109 18.66 -5.86 -11.11
CA VAL F 109 17.81 -6.18 -9.99
C VAL F 109 16.88 -5.00 -9.77
N VAL F 110 15.57 -5.28 -9.80
CA VAL F 110 14.54 -4.28 -9.60
C VAL F 110 14.21 -4.20 -8.10
N SER F 111 14.13 -5.36 -7.45
CA SER F 111 13.75 -5.41 -6.04
C SER F 111 14.43 -6.57 -5.33
N GLU F 112 14.80 -6.35 -4.08
CA GLU F 112 15.46 -7.36 -3.28
C GLU F 112 14.97 -7.39 -1.81
N PHE F 113 14.62 -8.59 -1.35
CA PHE F 113 14.24 -8.83 0.03
C PHE F 113 15.23 -9.81 0.60
N ILE F 114 15.73 -9.49 1.80
CA ILE F 114 16.68 -10.32 2.53
C ILE F 114 16.25 -10.23 3.98
N ARG F 115 16.08 -11.36 4.66
CA ARG F 115 15.62 -11.33 6.05
C ARG F 115 16.72 -11.04 7.07
C1 EDO G . -21.65 1.88 3.56
O1 EDO G . -22.19 0.63 3.07
C2 EDO G . -20.50 2.45 2.74
O2 EDO G . -20.84 2.96 1.44
C1 EDO H . -2.11 -3.92 19.40
O1 EDO H . -2.17 -5.30 19.78
C2 EDO H . -0.92 -3.24 20.05
O2 EDO H . -1.34 -2.13 20.86
C1 EDO I . -14.56 -22.35 12.73
O1 EDO I . -15.77 -22.71 12.04
C2 EDO I . -13.72 -23.61 12.96
O2 EDO I . -12.98 -23.93 11.79
C1 EDO J . -0.24 -10.68 14.15
O1 EDO J . -0.43 -11.35 15.41
C2 EDO J . 0.34 -9.27 14.20
O2 EDO J . 0.76 -8.88 12.87
C1 EDO K . 12.02 13.61 -7.92
O1 EDO K . 10.81 12.86 -8.10
C2 EDO K . 11.99 14.44 -6.65
O2 EDO K . 12.58 13.72 -5.55
C1 EDO L . -4.65 25.54 -23.04
O1 EDO L . -5.90 24.91 -22.70
C2 EDO L . -3.60 24.47 -23.38
O2 EDO L . -2.37 25.08 -23.78
C1 EDO M . 7.07 -19.73 -6.47
O1 EDO M . 6.01 -18.76 -6.62
C2 EDO M . 7.75 -19.57 -5.12
O2 EDO M . 8.25 -20.82 -4.66
C1 EDO N . -1.53 -26.95 -0.67
O1 EDO N . -1.65 -26.30 0.61
C2 EDO N . -0.38 -26.41 -1.48
O2 EDO N . -0.63 -25.03 -1.80
C1 EDO O . 6.52 -0.42 -6.29
O1 EDO O . 5.09 -0.51 -6.30
C2 EDO O . 7.04 0.09 -7.64
O2 EDO O . 7.59 -1.00 -8.39
#